data_6H45
#
_entry.id   6H45
#
_cell.length_a   127.500
_cell.length_b   158.860
_cell.length_c   47.620
_cell.angle_alpha   90.000
_cell.angle_beta   108.190
_cell.angle_gamma   90.000
#
_symmetry.space_group_name_H-M   'C 1 2 1'
#
loop_
_entity.id
_entity.type
_entity.pdbx_description
1 polymer 'Queuine tRNA-ribosyltransferase catalytic subunit 1'
2 non-polymer 2-amino-5-({[(1S,4S,5R)-4,5-dihydroxycyclopent-2-en-1-yl]amino}methyl)-3,7-dihydro-4H-pyrrolo[2,3-d]pyrimidin-4-one
3 non-polymer 'ZINC ION'
4 non-polymer 'BROMIDE ION'
5 non-polymer 'CHLORIDE ION'
6 non-polymer 'POTASSIUM ION'
7 non-polymer 'GLUTAMIC ACID'
8 water water
#
_entity_poly.entity_id   1
_entity_poly.type   'polypeptide(L)'
_entity_poly.pdbx_seq_one_letter_code
;SAPRIMRLVAE(OCS)SRSRARAGELWLPHGTVATPVFMPVGTQATMKGITTEQLDALGCRICLGNTYHLGLRPGPELIQ
KANGLHGFMNWPHNLLTDSGGFQMVSLVSLSEVTEEGVRFRSPYDGNETLLSPEKSVQIQNALGSDIIMQLDDVVSSTVT
GPRVEEAMYRSIRWLDRCIAAHQRPDKQNLFAIIQGGLDADLRATCLEEMTKRDVPGFAIGGLSGGESKSQFWRMVALST
SRLPKDKPRYLMGVGYATDLVVCVALGCDMFDCVFPTRTARFGSALVPTGNLQLRKKVFEKDFGPIDPECTCPTCQKHSR
AFLHALLHSDNTAALHHLTVHNIAYQLQLMSAVRTSIVEKRFPDFVRDFMGAMYGDPTLCPTWATDALASVGITLG
;
_entity_poly.pdbx_strand_id   A,B
#
loop_
_chem_comp.id
_chem_comp.type
_chem_comp.name
_chem_comp.formula
BR non-polymer 'BROMIDE ION' 'Br -1'
CL non-polymer 'CHLORIDE ION' 'Cl -1'
K non-polymer 'POTASSIUM ION' 'K 1'
QEI non-polymer 2-amino-5-({[(1S,4S,5R)-4,5-dihydroxycyclopent-2-en-1-yl]amino}methyl)-3,7-dihydro-4H-pyrrolo[2,3-d]pyrimidin-4-one 'C12 H15 N5 O3'
ZN non-polymer 'ZINC ION' 'Zn 2'
#
# COMPACT_ATOMS: atom_id res chain seq x y z
N SER A 1 -38.35 -14.44 11.99
CA SER A 1 -39.61 -13.75 12.26
C SER A 1 -39.73 -12.48 11.43
N ALA A 2 -38.74 -11.61 11.55
CA ALA A 2 -38.77 -10.34 10.84
C ALA A 2 -38.63 -10.58 9.34
N PRO A 3 -39.31 -9.80 8.50
CA PRO A 3 -39.23 -10.01 7.05
C PRO A 3 -37.79 -9.84 6.56
N ARG A 4 -37.38 -10.76 5.70
CA ARG A 4 -36.06 -10.70 5.08
C ARG A 4 -36.10 -9.76 3.90
N ILE A 5 -35.12 -8.84 3.83
CA ILE A 5 -35.05 -7.90 2.71
C ILE A 5 -34.34 -8.49 1.50
N MET A 6 -33.68 -9.64 1.65
CA MET A 6 -32.88 -10.22 0.58
C MET A 6 -33.49 -11.52 0.10
N ARG A 7 -33.49 -11.70 -1.22
CA ARG A 7 -33.87 -12.95 -1.86
C ARG A 7 -32.65 -13.54 -2.55
N LEU A 8 -32.35 -14.80 -2.27
CA LEU A 8 -31.27 -15.49 -2.96
C LEU A 8 -31.79 -16.03 -4.29
N VAL A 9 -31.30 -15.45 -5.39
CA VAL A 9 -31.65 -15.96 -6.70
C VAL A 9 -30.85 -17.22 -7.01
N ALA A 10 -29.57 -17.23 -6.66
CA ALA A 10 -28.73 -18.38 -6.99
C ALA A 10 -27.51 -18.39 -6.07
N GLU A 11 -27.00 -19.59 -5.83
CA GLU A 11 -25.75 -19.78 -5.10
C GLU A 11 -24.94 -20.79 -5.87
N OCS A 12 -23.66 -20.52 -6.12
CA OCS A 12 -22.89 -21.48 -6.88
CB OCS A 12 -21.69 -20.82 -7.57
SG OCS A 12 -21.49 -21.45 -9.25
C OCS A 12 -22.43 -22.64 -5.99
O OCS A 12 -22.20 -22.47 -4.80
OD1 OCS A 12 -20.11 -21.53 -9.58
OD2 OCS A 12 -22.06 -22.75 -9.35
OD3 OCS A 12 -22.14 -20.59 -10.17
N CYS A 12 -23.65 -20.50 -6.07
CA CYS A 12 -22.71 -21.39 -6.75
C CYS A 12 -22.42 -22.66 -5.94
N SER A 13 -22.30 -23.80 -6.60
CA SER A 13 -22.06 -25.06 -5.91
C SER A 13 -20.69 -25.17 -5.25
N ARG A 14 -19.70 -24.48 -5.80
CA ARG A 14 -18.33 -24.58 -5.31
C ARG A 14 -17.98 -23.48 -4.30
N SER A 15 -17.96 -22.23 -4.74
CA SER A 15 -17.56 -21.14 -3.87
C SER A 15 -18.71 -20.78 -2.92
N ARG A 16 -18.59 -19.64 -2.24
CA ARG A 16 -19.68 -19.08 -1.45
C ARG A 16 -20.41 -17.96 -2.18
N ALA A 17 -20.20 -17.84 -3.48
CA ALA A 17 -20.76 -16.73 -4.25
C ALA A 17 -22.28 -16.82 -4.31
N ARG A 18 -22.93 -15.67 -4.16
CA ARG A 18 -24.38 -15.56 -4.14
C ARG A 18 -24.84 -14.47 -5.10
N ALA A 19 -25.90 -14.75 -5.84
CA ALA A 19 -26.61 -13.76 -6.65
C ALA A 19 -27.99 -13.57 -6.04
N GLY A 20 -28.33 -12.33 -5.73
CA GLY A 20 -29.60 -12.06 -5.07
C GLY A 20 -30.26 -10.73 -5.36
N GLU A 21 -31.33 -10.43 -4.63
CA GLU A 21 -32.10 -9.20 -4.80
C GLU A 21 -32.35 -8.57 -3.43
N LEU A 22 -32.00 -7.30 -3.29
CA LEU A 22 -32.38 -6.49 -2.14
C LEU A 22 -33.71 -5.80 -2.46
N TRP A 23 -34.70 -6.00 -1.60
CA TRP A 23 -36.01 -5.36 -1.75
C TRP A 23 -36.09 -4.24 -0.73
N LEU A 24 -35.78 -3.03 -1.16
CA LEU A 24 -35.66 -1.86 -0.34
C LEU A 24 -36.78 -0.86 -0.65
N PRO A 25 -37.07 0.07 0.26
CA PRO A 25 -38.21 0.98 0.04
C PRO A 25 -38.16 1.76 -1.28
N HIS A 26 -36.99 1.96 -1.87
CA HIS A 26 -36.89 2.69 -3.13
C HIS A 26 -36.54 1.78 -4.31
N GLY A 27 -36.78 0.48 -4.20
CA GLY A 27 -36.68 -0.42 -5.33
C GLY A 27 -35.72 -1.56 -5.06
N THR A 28 -35.69 -2.48 -6.04
CA THR A 28 -34.90 -3.69 -5.96
C THR A 28 -33.48 -3.42 -6.47
N VAL A 29 -32.50 -4.05 -5.81
CA VAL A 29 -31.09 -3.89 -6.13
C VAL A 29 -30.49 -5.28 -6.34
N ALA A 30 -29.87 -5.49 -7.50
CA ALA A 30 -29.23 -6.77 -7.77
C ALA A 30 -27.92 -6.87 -7.00
N THR A 31 -27.68 -8.04 -6.40
CA THR A 31 -26.45 -8.29 -5.65
C THR A 31 -25.71 -9.47 -6.26
N PRO A 32 -24.36 -9.47 -6.23
CA PRO A 32 -23.47 -8.53 -5.54
C PRO A 32 -23.43 -7.14 -6.17
N VAL A 33 -23.30 -6.11 -5.34
CA VAL A 33 -23.43 -4.72 -5.78
C VAL A 33 -22.27 -3.90 -5.22
N PHE A 34 -21.62 -3.14 -6.10
CA PHE A 34 -20.71 -2.09 -5.69
C PHE A 34 -21.49 -0.78 -5.55
N MET A 35 -21.23 -0.05 -4.48
CA MET A 35 -22.05 1.11 -4.12
C MET A 35 -21.24 2.39 -4.22
N PRO A 36 -21.46 3.20 -5.25
CA PRO A 36 -20.70 4.45 -5.40
C PRO A 36 -21.13 5.49 -4.38
N VAL A 37 -20.23 6.44 -4.11
CA VAL A 37 -20.57 7.57 -3.24
C VAL A 37 -21.42 8.55 -4.04
N GLY A 38 -22.68 8.69 -3.66
CA GLY A 38 -23.53 9.69 -4.27
C GLY A 38 -23.40 11.07 -3.69
N THR A 39 -22.74 11.19 -2.55
CA THR A 39 -22.55 12.49 -1.90
C THR A 39 -21.69 13.38 -2.78
N GLN A 40 -22.13 14.63 -2.95
CA GLN A 40 -21.49 15.59 -3.84
C GLN A 40 -20.40 16.40 -3.17
N ALA A 41 -19.92 15.98 -2.00
CA ALA A 41 -18.95 16.77 -1.25
C ALA A 41 -17.73 17.10 -2.11
N THR A 42 -17.39 16.18 -3.00
CA THR A 42 -16.23 16.43 -3.89
C THR A 42 -16.59 17.47 -4.94
N MET A 43 -15.68 18.42 -5.18
CA MET A 43 -15.84 19.41 -6.28
C MET A 43 -15.74 18.61 -7.59
N LYS A 44 -14.80 17.65 -7.63
CA LYS A 44 -14.63 16.76 -8.81
C LYS A 44 -15.26 15.40 -8.45
N GLY A 45 -16.42 15.14 -9.04
CA GLY A 45 -17.25 13.98 -8.80
C GLY A 45 -18.36 13.88 -9.82
N ILE A 46 -18.86 12.66 -9.96
CA ILE A 46 -20.01 12.38 -10.81
C ILE A 46 -21.29 12.83 -10.10
N THR A 47 -22.29 13.23 -10.87
CA THR A 47 -23.53 13.69 -10.28
C THR A 47 -24.51 12.54 -10.07
N THR A 48 -25.51 12.80 -9.24
CA THR A 48 -26.56 11.83 -8.97
C THR A 48 -27.27 11.42 -10.26
N GLU A 49 -27.51 12.37 -11.16
CA GLU A 49 -28.21 12.06 -12.40
C GLU A 49 -27.39 11.10 -13.27
N GLN A 50 -26.08 11.33 -13.34
CA GLN A 50 -25.23 10.44 -14.14
C GLN A 50 -25.14 9.06 -13.49
N LEU A 51 -25.14 8.99 -12.16
CA LEU A 51 -25.23 7.71 -11.49
C LEU A 51 -26.48 6.97 -11.90
N ASP A 52 -27.62 7.68 -11.91
CA ASP A 52 -28.86 7.06 -12.34
C ASP A 52 -28.75 6.56 -13.78
N ALA A 53 -28.12 7.36 -14.65
CA ALA A 53 -27.97 6.96 -16.05
C ALA A 53 -27.09 5.72 -16.19
N LEU A 54 -26.08 5.58 -15.34
CA LEU A 54 -25.22 4.40 -15.41
C LEU A 54 -25.92 3.12 -14.98
N GLY A 55 -27.08 3.22 -14.33
CA GLY A 55 -27.79 2.06 -13.84
C GLY A 55 -27.67 1.82 -12.36
N CYS A 56 -26.96 2.68 -11.63
CA CYS A 56 -26.81 2.53 -10.20
C CYS A 56 -28.15 2.67 -9.51
N ARG A 57 -28.50 1.69 -8.67
CA ARG A 57 -29.77 1.69 -7.96
C ARG A 57 -29.61 1.76 -6.45
N ILE A 58 -28.38 1.95 -5.95
CA ILE A 58 -28.14 2.26 -4.55
C ILE A 58 -26.75 2.89 -4.43
N CYS A 59 -26.65 3.97 -3.68
CA CYS A 59 -25.39 4.67 -3.50
C CYS A 59 -25.24 5.07 -2.03
N LEU A 60 -24.02 5.48 -1.68
CA LEU A 60 -23.76 5.95 -0.32
C LEU A 60 -24.05 7.44 -0.22
N GLY A 61 -24.48 7.87 0.96
CA GLY A 61 -24.75 9.27 1.21
C GLY A 61 -24.79 9.59 2.68
N ASN A 62 -24.04 10.60 3.10
CA ASN A 62 -24.10 11.09 4.46
C ASN A 62 -24.07 12.61 4.42
N THR A 63 -24.35 13.23 5.57
CA THR A 63 -24.35 14.67 5.73
C THR A 63 -23.17 15.16 6.57
N TYR A 64 -22.12 14.35 6.68
CA TYR A 64 -20.98 14.72 7.52
C TYR A 64 -20.28 15.97 7.00
N HIS A 65 -20.27 16.18 5.70
CA HIS A 65 -19.55 17.32 5.13
C HIS A 65 -20.32 18.63 5.30
N LEU A 66 -21.62 18.57 5.57
CA LEU A 66 -22.43 19.77 5.66
C LEU A 66 -22.26 20.46 7.01
N GLY A 67 -22.84 21.65 7.14
CA GLY A 67 -23.00 22.27 8.43
C GLY A 67 -21.77 22.99 8.95
N LEU A 68 -21.83 23.34 10.24
CA LEU A 68 -20.85 24.20 10.90
C LEU A 68 -19.75 23.45 11.63
N ARG A 69 -20.09 22.34 12.29
CA ARG A 69 -19.14 21.56 13.07
C ARG A 69 -18.97 20.19 12.42
N PRO A 70 -17.93 19.45 12.77
CA PRO A 70 -17.79 18.09 12.25
C PRO A 70 -18.81 17.15 12.88
N GLY A 71 -19.17 16.12 12.12
CA GLY A 71 -20.15 15.15 12.54
C GLY A 71 -21.34 15.13 11.59
N PRO A 72 -22.23 14.16 11.77
CA PRO A 72 -23.46 14.14 10.97
C PRO A 72 -24.33 15.35 11.29
N GLU A 73 -25.13 15.74 10.30
CA GLU A 73 -25.94 16.94 10.38
C GLU A 73 -27.37 16.64 10.00
N LEU A 74 -28.31 17.22 10.75
CA LEU A 74 -29.69 17.32 10.28
C LEU A 74 -29.77 18.35 9.16
N ILE A 75 -30.60 18.08 8.17
CA ILE A 75 -30.74 18.97 7.03
C ILE A 75 -32.07 19.70 7.00
N GLN A 76 -33.04 19.31 7.82
CA GLN A 76 -34.33 19.99 7.93
C GLN A 76 -35.02 20.09 6.57
N LYS A 77 -35.05 18.96 5.85
CA LYS A 77 -35.65 18.90 4.53
C LYS A 77 -36.89 18.01 4.58
N ALA A 78 -37.97 18.48 3.96
CA ALA A 78 -39.23 17.74 3.99
C ALA A 78 -39.07 16.37 3.33
N ASN A 79 -38.29 16.28 2.26
CA ASN A 79 -38.09 15.04 1.53
C ASN A 79 -36.83 14.29 1.96
N GLY A 80 -36.18 14.73 3.02
CA GLY A 80 -35.05 13.99 3.56
C GLY A 80 -33.81 14.03 2.67
N LEU A 81 -32.93 13.06 2.92
CA LEU A 81 -31.69 12.99 2.15
C LEU A 81 -31.94 12.63 0.70
N HIS A 82 -33.03 11.90 0.42
CA HIS A 82 -33.39 11.63 -0.98
C HIS A 82 -33.74 12.91 -1.72
N GLY A 83 -34.55 13.77 -1.10
CA GLY A 83 -34.86 15.05 -1.72
C GLY A 83 -33.64 15.94 -1.82
N PHE A 84 -32.80 15.94 -0.79
CA PHE A 84 -31.57 16.72 -0.83
C PHE A 84 -30.67 16.29 -1.98
N MET A 85 -30.60 14.98 -2.24
CA MET A 85 -29.73 14.45 -3.29
C MET A 85 -30.43 14.33 -4.63
N ASN A 86 -31.74 14.56 -4.70
CA ASN A 86 -32.52 14.38 -5.93
C ASN A 86 -32.38 12.94 -6.42
N TRP A 87 -32.42 12.00 -5.50
CA TRP A 87 -32.10 10.59 -5.78
C TRP A 87 -33.35 9.73 -5.63
N PRO A 88 -33.84 9.10 -6.71
CA PRO A 88 -35.06 8.28 -6.60
C PRO A 88 -34.81 6.86 -6.15
N HIS A 89 -33.56 6.43 -6.03
CA HIS A 89 -33.28 5.03 -5.69
C HIS A 89 -32.81 4.92 -4.25
N ASN A 90 -32.04 3.90 -3.93
CA ASN A 90 -31.75 3.58 -2.55
C ASN A 90 -30.51 4.29 -2.04
N LEU A 91 -30.52 4.61 -0.75
CA LEU A 91 -29.42 5.27 -0.08
C LEU A 91 -28.94 4.41 1.08
N LEU A 92 -27.63 4.35 1.25
CA LEU A 92 -27.02 3.77 2.43
C LEU A 92 -26.25 4.87 3.15
N THR A 93 -26.55 5.05 4.43
CA THR A 93 -25.98 6.13 5.21
C THR A 93 -25.31 5.57 6.45
N ASP A 94 -24.02 5.82 6.58
CA ASP A 94 -23.25 5.37 7.74
C ASP A 94 -23.57 6.25 8.95
N SER A 95 -22.98 5.89 10.10
CA SER A 95 -23.26 6.63 11.32
C SER A 95 -22.60 8.00 11.34
N GLY A 96 -21.47 8.13 10.66
CA GLY A 96 -20.65 9.32 10.73
C GLY A 96 -19.58 9.27 11.81
N GLY A 97 -19.55 8.20 12.61
CA GLY A 97 -18.54 8.10 13.65
C GLY A 97 -17.16 7.73 13.11
N PHE A 98 -17.11 6.91 12.07
CA PHE A 98 -15.82 6.57 11.45
C PHE A 98 -15.11 7.83 10.96
N GLN A 99 -15.81 8.68 10.22
CA GLN A 99 -15.21 9.92 9.76
C GLN A 99 -14.86 10.84 10.92
N MET A 100 -15.67 10.84 11.99
CA MET A 100 -15.40 11.73 13.11
C MET A 100 -14.12 11.32 13.85
N VAL A 101 -13.90 10.02 14.03
CA VAL A 101 -12.70 9.58 14.73
C VAL A 101 -11.48 9.54 13.81
N SER A 102 -11.70 9.39 12.50
CA SER A 102 -10.57 9.30 11.58
C SER A 102 -10.05 10.68 11.19
N LEU A 103 -10.95 11.60 10.87
CA LEU A 103 -10.53 12.89 10.35
C LEU A 103 -10.01 13.83 11.44
N VAL A 104 -10.51 13.71 12.66
CA VAL A 104 -10.09 14.54 13.77
C VAL A 104 -9.36 13.66 14.78
N SER A 105 -8.08 13.94 15.02
CA SER A 105 -7.36 13.26 16.09
C SER A 105 -7.74 13.78 17.47
N LEU A 106 -8.40 14.95 17.54
CA LEU A 106 -8.82 15.46 18.84
C LEU A 106 -10.01 14.69 19.38
N SER A 107 -10.84 14.13 18.50
CA SER A 107 -12.03 13.39 18.95
C SER A 107 -11.62 12.17 19.75
N GLU A 108 -12.36 11.92 20.82
CA GLU A 108 -12.10 10.79 21.70
C GLU A 108 -13.34 9.90 21.79
N VAL A 109 -13.12 8.63 22.13
CA VAL A 109 -14.18 7.64 22.19
C VAL A 109 -14.40 7.24 23.65
N THR A 110 -15.62 7.42 24.14
CA THR A 110 -16.03 6.92 25.43
C THR A 110 -17.27 6.04 25.23
N GLU A 111 -17.64 5.33 26.30
CA GLU A 111 -18.87 4.54 26.25
C GLU A 111 -20.07 5.39 25.89
N GLU A 112 -20.05 6.68 26.24
CA GLU A 112 -21.16 7.57 25.91
C GLU A 112 -21.20 7.88 24.41
N GLY A 113 -20.06 7.91 23.74
CA GLY A 113 -20.03 8.08 22.31
C GLY A 113 -18.74 8.74 21.85
N VAL A 114 -18.80 9.35 20.68
CA VAL A 114 -17.67 10.06 20.09
C VAL A 114 -17.76 11.53 20.49
N ARG A 115 -16.67 12.02 21.07
CA ARG A 115 -16.64 13.40 21.64
C ARG A 115 -15.65 14.27 20.85
N PHE A 116 -16.01 15.53 20.64
CA PHE A 116 -15.20 16.50 19.92
C PHE A 116 -15.33 17.87 20.58
N ARG A 117 -14.26 18.65 20.52
CA ARG A 117 -14.27 20.03 21.01
C ARG A 117 -14.04 20.96 19.82
N SER A 118 -14.81 22.05 19.81
CA SER A 118 -14.84 23.02 18.69
C SER A 118 -13.44 23.55 18.40
N PRO A 119 -13.01 23.57 17.12
CA PRO A 119 -11.68 24.06 16.76
C PRO A 119 -11.60 25.56 17.08
N TYR A 120 -12.66 26.29 16.71
CA TYR A 120 -12.76 27.74 16.94
C TYR A 120 -12.93 28.11 18.43
N ASP A 121 -13.86 27.48 19.15
CA ASP A 121 -14.15 27.89 20.55
C ASP A 121 -14.16 26.75 21.56
N GLY A 122 -13.84 25.53 21.13
CA GLY A 122 -13.85 24.36 22.04
C GLY A 122 -15.26 23.92 22.37
N ASN A 123 -16.19 24.10 21.44
CA ASN A 123 -17.60 23.65 21.63
C ASN A 123 -17.56 22.13 21.69
N GLU A 124 -18.36 21.51 22.57
CA GLU A 124 -18.31 20.03 22.69
C GLU A 124 -19.45 19.40 21.90
N THR A 125 -19.10 18.54 20.95
CA THR A 125 -20.10 17.82 20.11
C THR A 125 -20.04 16.34 20.47
N LEU A 126 -21.15 15.75 20.88
CA LEU A 126 -21.12 14.31 21.22
C LEU A 126 -22.08 13.54 20.30
N LEU A 127 -21.54 12.53 19.62
CA LEU A 127 -22.32 11.62 18.78
C LEU A 127 -22.50 10.33 19.57
N SER A 128 -23.69 10.14 20.11
CA SER A 128 -24.05 8.92 20.80
C SER A 128 -24.86 8.02 19.87
N PRO A 129 -24.98 6.73 20.18
CA PRO A 129 -25.85 5.87 19.36
C PRO A 129 -27.25 6.42 19.18
N GLU A 130 -27.83 6.97 20.24
CA GLU A 130 -29.15 7.59 20.16
C GLU A 130 -29.17 8.72 19.13
N LYS A 131 -28.18 9.62 19.20
CA LYS A 131 -28.15 10.76 18.29
C LYS A 131 -27.89 10.32 16.85
N SER A 132 -26.96 9.38 16.67
CA SER A 132 -26.71 8.80 15.34
C SER A 132 -28.00 8.27 14.73
N VAL A 133 -28.73 7.45 15.50
CA VAL A 133 -29.94 6.84 14.94
C VAL A 133 -31.04 7.87 14.73
N GLN A 134 -31.12 8.91 15.57
CA GLN A 134 -32.13 9.94 15.35
C GLN A 134 -31.85 10.73 14.08
N ILE A 135 -30.59 11.10 13.86
CA ILE A 135 -30.21 11.77 12.62
C ILE A 135 -30.55 10.89 11.43
N GLN A 136 -30.21 9.59 11.50
CA GLN A 136 -30.50 8.69 10.39
C GLN A 136 -31.99 8.50 10.17
N ASN A 137 -32.80 8.53 11.24
CA ASN A 137 -34.24 8.47 11.08
C ASN A 137 -34.76 9.69 10.36
N ALA A 138 -34.23 10.87 10.70
CA ALA A 138 -34.68 12.08 10.01
C ALA A 138 -34.23 12.08 8.55
N LEU A 139 -33.07 11.49 8.25
CA LEU A 139 -32.57 11.52 6.88
C LEU A 139 -33.36 10.60 5.96
N GLY A 140 -33.94 9.53 6.50
CA GLY A 140 -34.79 8.66 5.70
C GLY A 140 -34.07 7.71 4.77
N SER A 141 -32.79 7.43 5.00
CA SER A 141 -32.05 6.54 4.13
C SER A 141 -32.57 5.11 4.22
N ASP A 142 -32.38 4.36 3.13
CA ASP A 142 -32.96 3.01 3.05
C ASP A 142 -32.22 2.02 3.94
N ILE A 143 -30.90 2.16 4.03
CA ILE A 143 -30.09 1.32 4.91
C ILE A 143 -29.24 2.24 5.76
N ILE A 144 -29.27 2.03 7.07
CA ILE A 144 -28.52 2.84 8.02
C ILE A 144 -27.59 1.94 8.82
N MET A 145 -26.40 2.45 9.11
CA MET A 145 -25.36 1.68 9.76
C MET A 145 -25.31 1.96 11.25
N GLN A 146 -25.14 0.90 12.04
CA GLN A 146 -24.88 1.05 13.46
C GLN A 146 -23.70 2.00 13.69
N LEU A 147 -23.77 2.75 14.78
CA LEU A 147 -22.59 3.45 15.27
C LEU A 147 -21.71 2.46 16.03
N ASP A 148 -20.44 2.37 15.62
CA ASP A 148 -19.54 1.37 16.19
C ASP A 148 -18.26 2.02 16.67
N ASP A 149 -17.51 1.28 17.48
CA ASP A 149 -16.22 1.72 18.00
C ASP A 149 -15.14 1.16 17.08
N VAL A 150 -14.62 2.01 16.20
CA VAL A 150 -13.70 1.59 15.16
C VAL A 150 -12.27 1.78 15.65
N VAL A 151 -11.47 0.72 15.56
CA VAL A 151 -10.05 0.78 15.86
C VAL A 151 -9.27 0.38 14.63
N SER A 152 -8.08 0.94 14.48
CA SER A 152 -7.21 0.59 13.37
C SER A 152 -6.79 -0.87 13.48
N SER A 153 -6.85 -1.58 12.35
CA SER A 153 -6.46 -3.00 12.35
C SER A 153 -4.99 -3.19 12.66
N THR A 154 -4.17 -2.16 12.48
CA THR A 154 -2.77 -2.24 12.90
C THR A 154 -2.65 -2.23 14.42
N VAL A 155 -3.61 -1.62 15.11
CA VAL A 155 -3.57 -1.56 16.56
C VAL A 155 -3.76 -2.95 17.15
N THR A 156 -2.93 -3.29 18.13
CA THR A 156 -3.07 -4.52 18.89
C THR A 156 -3.10 -4.19 20.37
N GLY A 157 -3.84 -4.99 21.12
CA GLY A 157 -3.95 -4.80 22.55
C GLY A 157 -5.39 -4.85 23.04
N PRO A 158 -5.59 -4.52 24.32
CA PRO A 158 -6.95 -4.59 24.89
C PRO A 158 -7.93 -3.66 24.21
N ARG A 159 -7.44 -2.63 23.53
CA ARG A 159 -8.33 -1.67 22.88
C ARG A 159 -9.22 -2.34 21.85
N VAL A 160 -8.71 -3.39 21.20
CA VAL A 160 -9.51 -4.09 20.18
C VAL A 160 -10.72 -4.77 20.82
N GLU A 161 -10.49 -5.53 21.88
CA GLU A 161 -11.59 -6.20 22.58
C GLU A 161 -12.55 -5.18 23.19
N GLU A 162 -12.00 -4.10 23.74
CA GLU A 162 -12.83 -3.02 24.27
C GLU A 162 -13.76 -2.48 23.21
N ALA A 163 -13.23 -2.16 22.03
CA ALA A 163 -14.06 -1.63 20.95
C ALA A 163 -15.08 -2.64 20.48
N MET A 164 -14.72 -3.92 20.47
CA MET A 164 -15.66 -4.96 20.02
C MET A 164 -16.88 -5.02 20.95
N TYR A 165 -16.63 -5.12 22.26
CA TYR A 165 -17.74 -5.19 23.20
C TYR A 165 -18.53 -3.88 23.21
N ARG A 166 -17.84 -2.74 23.09
CA ARG A 166 -18.55 -1.47 23.01
C ARG A 166 -19.42 -1.41 21.76
N SER A 167 -18.97 -2.02 20.66
CA SER A 167 -19.78 -2.07 19.45
C SER A 167 -21.03 -2.90 19.66
N ILE A 168 -20.92 -4.01 20.40
CA ILE A 168 -22.12 -4.79 20.71
C ILE A 168 -23.11 -3.95 21.52
N ARG A 169 -22.63 -3.30 22.58
CA ARG A 169 -23.51 -2.46 23.39
C ARG A 169 -24.14 -1.34 22.57
N TRP A 170 -23.35 -0.71 21.69
CA TRP A 170 -23.89 0.35 20.84
C TRP A 170 -24.89 -0.19 19.83
N LEU A 171 -24.69 -1.43 19.37
CA LEU A 171 -25.69 -2.05 18.50
C LEU A 171 -27.03 -2.15 19.21
N ASP A 172 -27.01 -2.62 20.46
CA ASP A 172 -28.27 -2.70 21.21
C ASP A 172 -28.89 -1.32 21.41
N ARG A 173 -28.06 -0.32 21.74
CA ARG A 173 -28.57 1.04 21.90
C ARG A 173 -29.20 1.56 20.62
N CYS A 174 -28.54 1.32 19.48
CA CYS A 174 -29.07 1.78 18.19
C CYS A 174 -30.37 1.07 17.85
N ILE A 175 -30.44 -0.23 18.13
CA ILE A 175 -31.69 -0.97 17.90
C ILE A 175 -32.82 -0.36 18.70
N ALA A 176 -32.57 -0.04 19.97
CA ALA A 176 -33.61 0.53 20.82
C ALA A 176 -34.01 1.93 20.33
N ALA A 177 -33.04 2.73 19.89
CA ALA A 177 -33.36 4.07 19.44
C ALA A 177 -34.04 4.12 18.07
N HIS A 178 -34.08 3.00 17.35
CA HIS A 178 -34.46 3.00 15.94
C HIS A 178 -35.98 3.02 15.79
N GLN A 179 -36.55 4.20 15.58
CA GLN A 179 -37.88 4.27 15.01
C GLN A 179 -37.80 4.05 13.50
N ARG A 180 -38.96 3.83 12.89
CA ARG A 180 -39.09 3.52 11.46
C ARG A 180 -38.32 2.28 11.02
N PRO A 181 -38.38 1.14 11.72
CA PRO A 181 -37.83 -0.09 11.13
C PRO A 181 -38.62 -0.57 9.93
N ASP A 182 -39.83 -0.03 9.71
CA ASP A 182 -40.63 -0.34 8.54
C ASP A 182 -40.17 0.42 7.30
N LYS A 183 -39.26 1.39 7.44
CA LYS A 183 -38.78 2.18 6.32
C LYS A 183 -37.27 2.22 6.17
N GLN A 184 -36.51 1.90 7.22
CA GLN A 184 -35.06 1.89 7.16
C GLN A 184 -34.54 0.59 7.75
N ASN A 185 -33.42 0.10 7.21
CA ASN A 185 -32.85 -1.18 7.60
C ASN A 185 -31.53 -0.95 8.30
N LEU A 186 -31.48 -1.25 9.60
CA LEU A 186 -30.30 -1.05 10.42
C LEU A 186 -29.37 -2.25 10.26
N PHE A 187 -28.11 -2.00 9.91
CA PHE A 187 -27.10 -3.04 9.81
C PHE A 187 -26.16 -2.98 11.00
N ALA A 188 -25.84 -4.13 11.57
CA ALA A 188 -24.76 -4.23 12.53
C ALA A 188 -23.43 -4.30 11.80
N ILE A 189 -22.34 -4.02 12.52
CA ILE A 189 -21.00 -4.01 11.96
C ILE A 189 -20.14 -4.94 12.81
N ILE A 190 -19.74 -6.07 12.25
CA ILE A 190 -18.88 -7.01 12.97
C ILE A 190 -17.50 -6.39 13.18
N GLN A 191 -17.04 -6.38 14.41
CA GLN A 191 -15.72 -5.89 14.77
C GLN A 191 -14.82 -7.07 15.18
N GLY A 192 -13.73 -6.76 15.89
CA GLY A 192 -12.79 -7.77 16.31
C GLY A 192 -11.42 -7.65 15.71
N GLY A 193 -11.22 -6.78 14.72
CA GLY A 193 -9.90 -6.63 14.13
C GLY A 193 -9.42 -7.89 13.46
N LEU A 194 -8.14 -8.20 13.67
CA LEU A 194 -7.52 -9.39 13.09
C LEU A 194 -7.46 -10.56 14.06
N ASP A 195 -8.09 -10.44 15.23
CA ASP A 195 -8.11 -11.49 16.23
C ASP A 195 -9.28 -12.43 15.96
N ALA A 196 -8.96 -13.71 15.69
CA ALA A 196 -10.01 -14.65 15.31
C ALA A 196 -11.01 -14.86 16.43
N ASP A 197 -10.55 -14.93 17.69
CA ASP A 197 -11.46 -15.18 18.80
C ASP A 197 -12.37 -13.98 19.07
N LEU A 198 -11.81 -12.78 19.05
CA LEU A 198 -12.63 -11.58 19.26
C LEU A 198 -13.68 -11.44 18.16
N ARG A 199 -13.28 -11.65 16.90
CA ARG A 199 -14.24 -11.52 15.81
C ARG A 199 -15.27 -12.64 15.85
N ALA A 200 -14.87 -13.85 16.28
CA ALA A 200 -15.84 -14.93 16.41
C ALA A 200 -16.85 -14.63 17.52
N THR A 201 -16.38 -14.08 18.64
CA THR A 201 -17.29 -13.65 19.69
C THR A 201 -18.25 -12.58 19.19
N CYS A 202 -17.72 -11.59 18.47
CA CYS A 202 -18.58 -10.55 17.92
C CYS A 202 -19.60 -11.13 16.96
N LEU A 203 -19.20 -12.11 16.16
CA LEU A 203 -20.14 -12.75 15.24
C LEU A 203 -21.25 -13.44 16.02
N GLU A 204 -20.89 -14.31 16.97
CA GLU A 204 -21.89 -15.06 17.71
C GLU A 204 -22.85 -14.14 18.45
N GLU A 205 -22.34 -13.04 19.00
CA GLU A 205 -23.18 -12.13 19.78
C GLU A 205 -24.05 -11.25 18.89
N MET A 206 -23.48 -10.68 17.83
CA MET A 206 -24.24 -9.76 16.98
C MET A 206 -25.29 -10.49 16.16
N THR A 207 -25.02 -11.72 15.75
CA THR A 207 -26.04 -12.44 15.01
C THR A 207 -27.21 -12.86 15.88
N LYS A 208 -27.12 -12.69 17.19
CA LYS A 208 -28.26 -12.93 18.06
C LYS A 208 -29.35 -11.87 17.90
N ARG A 209 -29.01 -10.69 17.40
CA ARG A 209 -29.98 -9.62 17.19
C ARG A 209 -30.59 -9.75 15.81
N ASP A 210 -31.89 -9.48 15.71
CA ASP A 210 -32.64 -9.63 14.46
C ASP A 210 -32.64 -8.32 13.68
N VAL A 211 -31.45 -7.93 13.23
CA VAL A 211 -31.29 -6.76 12.37
C VAL A 211 -31.32 -7.23 10.93
N PRO A 212 -31.77 -6.38 9.99
CA PRO A 212 -31.96 -6.85 8.60
C PRO A 212 -30.69 -7.34 7.92
N GLY A 213 -29.51 -6.83 8.31
CA GLY A 213 -28.30 -7.21 7.61
C GLY A 213 -27.08 -7.02 8.49
N PHE A 214 -25.95 -7.53 8.01
CA PHE A 214 -24.71 -7.52 8.75
C PHE A 214 -23.57 -7.02 7.85
N ALA A 215 -22.66 -6.27 8.46
CA ALA A 215 -21.48 -5.76 7.77
C ALA A 215 -20.21 -6.25 8.47
N ILE A 216 -19.13 -6.26 7.70
CA ILE A 216 -17.82 -6.73 8.15
C ILE A 216 -16.92 -5.51 8.25
N GLY A 217 -16.59 -5.09 9.48
CA GLY A 217 -15.79 -3.86 9.66
C GLY A 217 -14.39 -4.12 10.18
N GLY A 218 -13.52 -3.11 10.07
CA GLY A 218 -12.14 -3.14 10.57
C GLY A 218 -11.15 -3.86 9.67
N LEU A 219 -11.52 -4.06 8.42
CA LEU A 219 -10.59 -4.63 7.41
C LEU A 219 -10.16 -3.52 6.46
N SER A 220 -9.20 -3.77 5.59
CA SER A 220 -8.65 -2.75 4.64
C SER A 220 -8.11 -1.55 5.43
N GLY A 221 -7.41 -1.82 6.53
CA GLY A 221 -6.80 -0.81 7.40
C GLY A 221 -5.28 -0.88 7.35
N GLY A 222 -4.74 -1.52 6.31
CA GLY A 222 -3.27 -1.70 6.19
C GLY A 222 -2.83 -3.05 6.69
N GLU A 223 -3.79 -3.93 7.00
CA GLU A 223 -3.45 -5.31 7.47
C GLU A 223 -2.97 -6.17 6.29
N SER A 224 -2.25 -7.24 6.59
CA SER A 224 -1.74 -8.14 5.52
C SER A 224 -2.91 -8.78 4.77
N LYS A 225 -2.72 -9.04 3.48
CA LYS A 225 -3.81 -9.62 2.70
C LYS A 225 -4.23 -10.99 3.23
N SER A 226 -3.29 -11.76 3.78
CA SER A 226 -3.64 -13.02 4.43
C SER A 226 -4.67 -12.81 5.53
N GLN A 227 -4.34 -11.94 6.50
CA GLN A 227 -5.27 -11.66 7.60
C GLN A 227 -6.59 -11.11 7.06
N PHE A 228 -6.53 -10.28 6.03
CA PHE A 228 -7.74 -9.69 5.45
C PHE A 228 -8.69 -10.76 4.94
N TRP A 229 -8.20 -11.62 4.04
CA TRP A 229 -9.11 -12.62 3.47
C TRP A 229 -9.51 -13.66 4.51
N ARG A 230 -8.64 -13.95 5.49
CA ARG A 230 -9.03 -14.90 6.53
C ARG A 230 -10.15 -14.33 7.41
N MET A 231 -10.06 -13.05 7.76
CA MET A 231 -11.13 -12.42 8.53
C MET A 231 -12.44 -12.40 7.74
N VAL A 232 -12.36 -12.08 6.44
CA VAL A 232 -13.57 -12.10 5.62
C VAL A 232 -14.19 -13.50 5.60
N ALA A 233 -13.36 -14.53 5.42
CA ALA A 233 -13.88 -15.89 5.35
C ALA A 233 -14.51 -16.32 6.67
N LEU A 234 -13.86 -16.00 7.79
CA LEU A 234 -14.45 -16.27 9.10
C LEU A 234 -15.83 -15.62 9.21
N SER A 235 -15.89 -14.31 8.94
CA SER A 235 -17.13 -13.58 9.07
C SER A 235 -18.25 -14.22 8.25
N THR A 236 -18.00 -14.45 6.97
CA THR A 236 -19.05 -15.01 6.12
C THR A 236 -19.36 -16.46 6.49
N SER A 237 -18.40 -17.19 7.05
CA SER A 237 -18.69 -18.54 7.51
C SER A 237 -19.69 -18.52 8.66
N ARG A 238 -19.67 -17.47 9.49
CA ARG A 238 -20.57 -17.44 10.63
C ARG A 238 -21.74 -16.46 10.49
N LEU A 239 -21.83 -15.69 9.38
CA LEU A 239 -22.98 -14.82 9.19
C LEU A 239 -24.11 -15.60 8.52
N PRO A 240 -25.37 -15.22 8.78
CA PRO A 240 -26.49 -15.99 8.22
C PRO A 240 -26.60 -15.82 6.71
N LYS A 241 -26.97 -16.90 6.04
CA LYS A 241 -27.02 -16.91 4.59
C LYS A 241 -28.27 -16.22 4.04
N ASP A 242 -29.30 -16.03 4.86
CA ASP A 242 -30.55 -15.43 4.41
C ASP A 242 -30.60 -13.93 4.64
N LYS A 243 -29.44 -13.29 4.86
CA LYS A 243 -29.33 -11.86 5.09
C LYS A 243 -28.09 -11.35 4.38
N PRO A 244 -28.06 -10.07 4.01
CA PRO A 244 -26.92 -9.54 3.24
C PRO A 244 -25.64 -9.48 4.06
N ARG A 245 -24.52 -9.61 3.36
CA ARG A 245 -23.19 -9.40 3.93
C ARG A 245 -22.57 -8.20 3.24
N TYR A 246 -22.25 -7.15 4.01
CA TYR A 246 -21.73 -5.89 3.49
C TYR A 246 -20.29 -5.75 3.94
N LEU A 247 -19.34 -5.87 3.01
CA LEU A 247 -17.92 -5.70 3.30
C LEU A 247 -17.51 -4.26 2.99
N MET A 248 -17.23 -3.50 4.04
CA MET A 248 -16.98 -2.06 3.92
C MET A 248 -15.52 -1.80 3.58
N GLY A 249 -15.30 -0.95 2.58
CA GLY A 249 -13.97 -0.44 2.31
C GLY A 249 -13.11 -1.24 1.36
N VAL A 250 -13.73 -2.00 0.46
CA VAL A 250 -12.94 -2.77 -0.54
C VAL A 250 -13.47 -2.43 -1.94
N GLY A 251 -12.59 -1.94 -2.82
CA GLY A 251 -13.02 -1.58 -4.18
C GLY A 251 -12.12 -2.11 -5.28
N TYR A 252 -10.95 -2.64 -4.94
CA TYR A 252 -10.06 -3.17 -6.01
C TYR A 252 -10.79 -4.34 -6.69
N ALA A 253 -10.73 -4.42 -8.02
CA ALA A 253 -11.50 -5.42 -8.76
C ALA A 253 -11.18 -6.83 -8.28
N THR A 254 -9.90 -7.13 -8.06
CA THR A 254 -9.50 -8.45 -7.59
C THR A 254 -10.10 -8.74 -6.22
N ASP A 255 -10.03 -7.77 -5.31
CA ASP A 255 -10.64 -7.95 -4.00
C ASP A 255 -12.15 -8.16 -4.13
N LEU A 256 -12.79 -7.46 -5.06
CA LEU A 256 -14.22 -7.64 -5.26
C LEU A 256 -14.54 -9.06 -5.68
N VAL A 257 -13.86 -9.57 -6.71
CA VAL A 257 -14.13 -10.91 -7.20
C VAL A 257 -13.87 -11.95 -6.11
N VAL A 258 -12.75 -11.80 -5.39
CA VAL A 258 -12.39 -12.78 -4.37
C VAL A 258 -13.41 -12.76 -3.24
N CYS A 259 -13.79 -11.57 -2.76
CA CYS A 259 -14.73 -11.49 -1.64
C CYS A 259 -16.14 -11.87 -2.06
N VAL A 260 -16.48 -11.76 -3.33
CA VAL A 260 -17.71 -12.39 -3.82
C VAL A 260 -17.59 -13.91 -3.71
N ALA A 261 -16.42 -14.45 -4.04
CA ALA A 261 -16.21 -15.89 -3.89
C ALA A 261 -16.30 -16.31 -2.43
N LEU A 262 -16.03 -15.40 -1.50
CA LEU A 262 -16.09 -15.71 -0.07
C LEU A 262 -17.46 -15.47 0.54
N GLY A 263 -18.41 -14.93 -0.23
CA GLY A 263 -19.78 -14.79 0.24
C GLY A 263 -20.27 -13.38 0.49
N CYS A 264 -19.50 -12.36 0.13
CA CYS A 264 -19.93 -10.99 0.36
C CYS A 264 -20.88 -10.51 -0.74
N ASP A 265 -21.78 -9.59 -0.36
CA ASP A 265 -22.83 -9.10 -1.24
C ASP A 265 -22.75 -7.63 -1.57
N MET A 266 -22.20 -6.79 -0.69
CA MET A 266 -22.23 -5.35 -0.86
C MET A 266 -20.84 -4.78 -0.62
N PHE A 267 -20.45 -3.80 -1.44
CA PHE A 267 -19.10 -3.24 -1.37
C PHE A 267 -19.16 -1.73 -1.57
N ASP A 268 -18.11 -1.06 -1.09
CA ASP A 268 -17.96 0.38 -1.28
C ASP A 268 -16.49 0.75 -1.12
N CYS A 269 -16.06 1.75 -1.89
CA CYS A 269 -14.70 2.26 -1.87
C CYS A 269 -14.60 3.43 -2.83
N VAL A 270 -13.78 4.42 -2.49
CA VAL A 270 -13.61 5.61 -3.35
C VAL A 270 -12.45 5.39 -4.31
N PHE A 271 -12.03 4.13 -4.44
CA PHE A 271 -10.92 3.78 -5.32
C PHE A 271 -11.09 4.22 -6.78
N PRO A 272 -12.28 4.11 -7.40
CA PRO A 272 -12.43 4.52 -8.79
C PRO A 272 -12.15 6.02 -8.94
N THR A 273 -12.63 6.81 -7.98
CA THR A 273 -12.41 8.29 -8.00
C THR A 273 -10.92 8.63 -7.86
N ARG A 274 -10.22 7.98 -6.92
CA ARG A 274 -8.78 8.25 -6.72
C ARG A 274 -7.99 7.81 -7.96
N THR A 275 -8.34 6.66 -8.52
CA THR A 275 -7.69 6.16 -9.73
C THR A 275 -7.83 7.16 -10.87
N ALA A 276 -9.03 7.73 -11.04
CA ALA A 276 -9.22 8.73 -12.08
C ALA A 276 -8.31 9.93 -11.87
N ARG A 277 -8.06 10.30 -10.62
CA ARG A 277 -7.26 11.49 -10.36
C ARG A 277 -5.80 11.34 -10.79
N PHE A 278 -5.30 10.11 -10.93
CA PHE A 278 -3.96 9.87 -11.46
C PHE A 278 -3.94 9.81 -12.98
N GLY A 279 -5.05 10.16 -13.64
CA GLY A 279 -5.14 9.98 -15.08
C GLY A 279 -5.21 8.52 -15.50
N SER A 280 -5.85 7.68 -14.70
CA SER A 280 -5.88 6.25 -14.92
C SER A 280 -7.32 5.79 -15.13
N ALA A 281 -7.51 4.85 -16.07
CA ALA A 281 -8.83 4.36 -16.44
C ALA A 281 -8.88 2.85 -16.24
N LEU A 282 -9.93 2.37 -15.57
CA LEU A 282 -10.02 0.96 -15.23
C LEU A 282 -10.45 0.13 -16.45
N VAL A 283 -9.75 -0.97 -16.68
CA VAL A 283 -10.01 -1.88 -17.80
C VAL A 283 -9.85 -3.30 -17.30
N PRO A 284 -10.32 -4.32 -18.03
CA PRO A 284 -10.17 -5.70 -17.55
C PRO A 284 -8.74 -6.14 -17.32
N THR A 285 -7.76 -5.42 -17.86
CA THR A 285 -6.36 -5.75 -17.68
C THR A 285 -5.70 -4.92 -16.58
N GLY A 286 -6.50 -4.19 -15.80
CA GLY A 286 -5.96 -3.33 -14.77
C GLY A 286 -6.34 -1.88 -15.01
N ASN A 287 -5.37 -1.04 -15.35
CA ASN A 287 -5.64 0.36 -15.61
C ASN A 287 -4.75 0.86 -16.74
N LEU A 288 -5.32 1.73 -17.57
CA LEU A 288 -4.58 2.47 -18.58
C LEU A 288 -4.12 3.80 -17.98
N GLN A 289 -2.82 4.06 -18.07
CA GLN A 289 -2.25 5.33 -17.63
C GLN A 289 -2.26 6.28 -18.82
N LEU A 290 -3.37 7.01 -18.97
CA LEU A 290 -3.63 7.76 -20.19
C LEU A 290 -2.71 8.96 -20.38
N ARG A 291 -2.01 9.40 -19.33
CA ARG A 291 -1.06 10.50 -19.50
C ARG A 291 0.15 10.10 -20.33
N LYS A 292 0.41 8.81 -20.47
CA LYS A 292 1.58 8.34 -21.20
C LYS A 292 1.38 8.49 -22.70
N LYS A 293 2.45 8.86 -23.40
CA LYS A 293 2.37 9.28 -24.78
C LYS A 293 2.11 8.13 -25.76
N VAL A 294 2.02 6.88 -25.28
CA VAL A 294 1.62 5.79 -26.17
C VAL A 294 0.16 5.89 -26.57
N PHE A 295 -0.63 6.73 -25.89
CA PHE A 295 -2.03 6.95 -26.23
C PHE A 295 -2.24 8.23 -27.01
N GLU A 296 -1.17 8.95 -27.36
CA GLU A 296 -1.28 10.23 -28.05
C GLU A 296 -2.06 10.09 -29.36
N LYS A 297 -1.82 9.00 -30.10
CA LYS A 297 -2.51 8.75 -31.36
C LYS A 297 -3.35 7.48 -31.30
N ASP A 298 -3.90 7.16 -30.14
CA ASP A 298 -4.79 6.03 -29.96
C ASP A 298 -6.21 6.56 -29.93
N PHE A 299 -6.94 6.38 -31.02
CA PHE A 299 -8.28 6.95 -31.18
C PHE A 299 -9.39 5.96 -30.92
N GLY A 300 -9.08 4.78 -30.38
CA GLY A 300 -10.10 3.90 -29.86
C GLY A 300 -10.58 4.36 -28.51
N PRO A 301 -11.71 3.82 -28.08
CA PRO A 301 -12.20 4.11 -26.72
C PRO A 301 -11.29 3.50 -25.67
N ILE A 302 -11.57 3.84 -24.41
CA ILE A 302 -10.88 3.19 -23.30
C ILE A 302 -11.09 1.68 -23.38
N ASP A 303 -12.34 1.27 -23.55
CA ASP A 303 -12.73 -0.14 -23.64
C ASP A 303 -13.86 -0.27 -24.64
N PRO A 304 -13.65 -0.95 -25.77
CA PRO A 304 -14.73 -1.11 -26.76
C PRO A 304 -15.91 -1.91 -26.25
N GLU A 305 -15.78 -2.57 -25.11
CA GLU A 305 -16.91 -3.29 -24.50
C GLU A 305 -17.67 -2.43 -23.49
N CYS A 306 -17.15 -1.26 -23.13
CA CYS A 306 -17.75 -0.44 -22.10
C CYS A 306 -18.91 0.38 -22.66
N THR A 307 -20.02 0.40 -21.93
CA THR A 307 -21.24 1.07 -22.36
C THR A 307 -21.38 2.49 -21.83
N CYS A 308 -20.39 3.00 -21.10
CA CYS A 308 -20.53 4.28 -20.44
C CYS A 308 -20.43 5.43 -21.45
N PRO A 309 -20.98 6.60 -21.10
CA PRO A 309 -20.95 7.73 -22.04
C PRO A 309 -19.55 8.13 -22.49
N THR A 310 -18.57 8.07 -21.59
CA THR A 310 -17.19 8.41 -21.97
C THR A 310 -16.71 7.53 -23.12
N CYS A 311 -17.01 6.24 -23.07
CA CYS A 311 -16.60 5.34 -24.13
C CYS A 311 -17.49 5.43 -25.36
N GLN A 312 -18.69 6.00 -25.25
CA GLN A 312 -19.50 6.25 -26.43
C GLN A 312 -19.05 7.48 -27.19
N LYS A 313 -18.53 8.49 -26.49
CA LYS A 313 -18.29 9.79 -27.09
C LYS A 313 -16.81 10.14 -27.28
N HIS A 314 -15.91 9.62 -26.46
CA HIS A 314 -14.54 10.12 -26.44
C HIS A 314 -13.54 8.98 -26.62
N SER A 315 -12.39 9.32 -27.20
CA SER A 315 -11.33 8.37 -27.48
C SER A 315 -10.21 8.49 -26.45
N ARG A 316 -9.27 7.54 -26.50
CA ARG A 316 -8.12 7.58 -25.62
C ARG A 316 -7.27 8.81 -25.89
N ALA A 317 -7.13 9.20 -27.17
CA ALA A 317 -6.28 10.34 -27.51
C ALA A 317 -6.88 11.65 -27.02
N PHE A 318 -8.20 11.81 -27.17
CA PHE A 318 -8.85 13.00 -26.65
C PHE A 318 -8.65 13.13 -25.15
N LEU A 319 -8.78 12.03 -24.41
CA LEU A 319 -8.59 12.08 -22.97
C LEU A 319 -7.13 12.32 -22.61
N HIS A 320 -6.21 11.78 -23.42
CA HIS A 320 -4.78 12.01 -23.20
C HIS A 320 -4.44 13.48 -23.37
N ALA A 321 -5.01 14.14 -24.37
CA ALA A 321 -4.78 15.57 -24.55
C ALA A 321 -5.47 16.38 -23.47
N LEU A 322 -6.68 15.97 -23.08
CA LEU A 322 -7.44 16.70 -22.07
C LEU A 322 -6.76 16.62 -20.69
N LEU A 323 -6.09 15.50 -20.40
CA LEU A 323 -5.36 15.38 -19.14
C LEU A 323 -4.25 16.41 -19.04
N HIS A 324 -3.70 16.85 -20.17
CA HIS A 324 -2.61 17.81 -20.18
C HIS A 324 -3.06 19.22 -20.54
N SER A 325 -4.32 19.41 -20.94
CA SER A 325 -4.85 20.73 -21.23
C SER A 325 -5.94 21.17 -20.28
N ASP A 326 -6.71 20.24 -19.70
CA ASP A 326 -7.77 20.56 -18.74
C ASP A 326 -7.96 19.33 -17.85
N ASN A 327 -7.12 19.25 -16.81
CA ASN A 327 -7.07 18.05 -15.98
C ASN A 327 -8.41 17.76 -15.31
N THR A 328 -9.22 18.80 -15.07
CA THR A 328 -10.46 18.62 -14.30
C THR A 328 -11.53 17.90 -15.12
N ALA A 329 -11.76 18.35 -16.36
CA ALA A 329 -12.75 17.69 -17.21
C ALA A 329 -12.35 16.26 -17.52
N ALA A 330 -11.04 16.03 -17.75
CA ALA A 330 -10.56 14.67 -17.94
C ALA A 330 -10.80 13.82 -16.70
N LEU A 331 -10.60 14.40 -15.51
CA LEU A 331 -10.90 13.68 -14.27
C LEU A 331 -12.36 13.30 -14.21
N HIS A 332 -13.26 14.20 -14.61
CA HIS A 332 -14.69 13.90 -14.60
C HIS A 332 -15.01 12.73 -15.54
N HIS A 333 -14.47 12.78 -16.77
CA HIS A 333 -14.75 11.71 -17.72
C HIS A 333 -14.22 10.37 -17.22
N LEU A 334 -12.99 10.37 -16.69
CA LEU A 334 -12.42 9.13 -16.16
C LEU A 334 -13.21 8.62 -14.96
N THR A 335 -13.77 9.53 -14.16
CA THR A 335 -14.61 9.12 -13.03
C THR A 335 -15.87 8.40 -13.51
N VAL A 336 -16.58 9.01 -14.46
CA VAL A 336 -17.73 8.34 -15.07
C VAL A 336 -17.35 6.93 -15.51
N HIS A 337 -16.23 6.82 -16.24
CA HIS A 337 -15.85 5.51 -16.77
C HIS A 337 -15.52 4.50 -15.67
N ASN A 338 -14.72 4.91 -14.69
CA ASN A 338 -14.30 3.95 -13.66
C ASN A 338 -15.49 3.45 -12.85
N ILE A 339 -16.45 4.33 -12.57
CA ILE A 339 -17.65 3.89 -11.87
C ILE A 339 -18.46 2.94 -12.74
N ALA A 340 -18.58 3.24 -14.03
CA ALA A 340 -19.29 2.33 -14.92
C ALA A 340 -18.59 0.98 -15.00
N TYR A 341 -17.26 0.97 -14.93
CA TYR A 341 -16.52 -0.29 -14.95
C TYR A 341 -16.81 -1.09 -13.69
N GLN A 342 -16.91 -0.41 -12.55
CA GLN A 342 -17.23 -1.13 -11.28
C GLN A 342 -18.61 -1.77 -11.40
N LEU A 343 -19.59 -1.01 -11.90
CA LEU A 343 -20.97 -1.52 -12.05
C LEU A 343 -21.00 -2.67 -13.07
N GLN A 344 -20.29 -2.52 -14.19
CA GLN A 344 -20.26 -3.54 -15.25
C GLN A 344 -19.63 -4.83 -14.71
N LEU A 345 -18.56 -4.70 -13.92
CA LEU A 345 -17.89 -5.84 -13.30
C LEU A 345 -18.84 -6.58 -12.37
N MET A 346 -19.54 -5.85 -11.49
CA MET A 346 -20.48 -6.53 -10.59
C MET A 346 -21.60 -7.21 -11.36
N SER A 347 -22.11 -6.57 -12.41
CA SER A 347 -23.19 -7.16 -13.20
C SER A 347 -22.73 -8.44 -13.89
N ALA A 348 -21.50 -8.43 -14.43
CA ALA A 348 -20.99 -9.62 -15.09
C ALA A 348 -20.75 -10.75 -14.09
N VAL A 349 -20.25 -10.42 -12.89
CA VAL A 349 -20.09 -11.43 -11.85
C VAL A 349 -21.43 -12.08 -11.53
N ARG A 350 -22.45 -11.25 -11.31
CA ARG A 350 -23.78 -11.79 -11.00
C ARG A 350 -24.29 -12.68 -12.12
N THR A 351 -24.10 -12.24 -13.37
CA THR A 351 -24.53 -13.04 -14.51
C THR A 351 -23.82 -14.39 -14.53
N SER A 352 -22.51 -14.40 -14.28
CA SER A 352 -21.78 -15.66 -14.24
C SER A 352 -22.31 -16.59 -13.15
N ILE A 353 -22.70 -16.01 -12.01
CA ILE A 353 -23.24 -16.83 -10.92
C ILE A 353 -24.59 -17.41 -11.30
N VAL A 354 -25.47 -16.58 -11.88
CA VAL A 354 -26.79 -17.04 -12.29
C VAL A 354 -26.69 -18.14 -13.34
N GLU A 355 -25.69 -18.07 -14.21
CA GLU A 355 -25.51 -19.04 -15.28
C GLU A 355 -24.59 -20.20 -14.88
N LYS A 356 -24.30 -20.35 -13.59
CA LYS A 356 -23.56 -21.50 -13.05
C LYS A 356 -22.20 -21.66 -13.72
N ARG A 357 -21.48 -20.55 -13.87
CA ARG A 357 -20.14 -20.56 -14.45
C ARG A 357 -19.22 -19.58 -13.73
N PHE A 358 -19.43 -19.37 -12.44
CA PHE A 358 -18.63 -18.41 -11.69
C PHE A 358 -17.14 -18.77 -11.63
N PRO A 359 -16.74 -20.03 -11.38
CA PRO A 359 -15.29 -20.31 -11.33
C PRO A 359 -14.58 -20.05 -12.65
N ASP A 360 -15.19 -20.46 -13.77
CA ASP A 360 -14.68 -20.09 -15.07
C ASP A 360 -14.57 -18.57 -15.21
N PHE A 361 -15.52 -17.84 -14.63
CA PHE A 361 -15.46 -16.39 -14.68
C PHE A 361 -14.23 -15.86 -13.97
N VAL A 362 -14.00 -16.37 -12.76
CA VAL A 362 -12.85 -15.94 -11.91
C VAL A 362 -11.56 -16.25 -12.68
N ARG A 363 -11.51 -17.40 -13.33
CA ARG A 363 -10.33 -17.81 -14.08
C ARG A 363 -10.07 -16.85 -15.24
N ASP A 364 -11.12 -16.52 -16.00
CA ASP A 364 -10.97 -15.53 -17.08
C ASP A 364 -10.52 -14.17 -16.53
N PHE A 365 -11.13 -13.74 -15.42
CA PHE A 365 -10.80 -12.44 -14.84
C PHE A 365 -9.35 -12.38 -14.41
N MET A 366 -8.86 -13.43 -13.73
CA MET A 366 -7.47 -13.45 -13.30
C MET A 366 -6.53 -13.51 -14.50
N GLY A 367 -6.89 -14.28 -15.53
CA GLY A 367 -6.06 -14.32 -16.73
C GLY A 367 -5.93 -12.95 -17.37
N ALA A 368 -7.05 -12.23 -17.48
CA ALA A 368 -7.01 -10.90 -18.10
C ALA A 368 -6.29 -9.91 -17.21
N MET A 369 -6.43 -10.03 -15.89
CA MET A 369 -5.86 -9.04 -14.98
C MET A 369 -4.35 -9.21 -14.82
N TYR A 370 -3.87 -10.45 -14.80
CA TYR A 370 -2.48 -10.72 -14.48
C TYR A 370 -1.72 -11.45 -15.57
N GLY A 371 -2.32 -11.68 -16.73
CA GLY A 371 -1.62 -12.31 -17.84
C GLY A 371 -1.98 -13.78 -17.99
N ASP A 372 -1.82 -14.53 -16.91
CA ASP A 372 -2.20 -15.93 -16.81
C ASP A 372 -2.70 -16.13 -15.39
N PRO A 373 -3.81 -16.86 -15.20
CA PRO A 373 -4.41 -16.97 -13.86
C PRO A 373 -3.47 -17.45 -12.76
N THR A 374 -2.39 -18.15 -13.13
CA THR A 374 -1.42 -18.59 -12.14
C THR A 374 -0.51 -17.47 -11.66
N LEU A 375 -0.49 -16.34 -12.36
CA LEU A 375 0.22 -15.15 -11.88
C LEU A 375 -0.62 -14.33 -10.91
N CYS A 376 -1.78 -14.83 -10.52
CA CYS A 376 -2.60 -14.16 -9.52
C CYS A 376 -1.81 -14.02 -8.21
N PRO A 377 -2.06 -12.98 -7.42
CA PRO A 377 -1.35 -12.83 -6.15
C PRO A 377 -1.59 -14.02 -5.23
N THR A 378 -0.59 -14.31 -4.39
CA THR A 378 -0.64 -15.49 -3.54
C THR A 378 -1.83 -15.46 -2.60
N TRP A 379 -2.14 -14.29 -2.04
CA TRP A 379 -3.23 -14.19 -1.08
C TRP A 379 -4.56 -14.52 -1.73
N ALA A 380 -4.78 -14.05 -2.96
CA ALA A 380 -6.04 -14.33 -3.64
C ALA A 380 -6.13 -15.80 -4.02
N THR A 381 -5.00 -16.40 -4.41
CA THR A 381 -4.99 -17.85 -4.67
C THR A 381 -5.37 -18.62 -3.41
N ASP A 382 -4.79 -18.26 -2.27
CA ASP A 382 -5.13 -18.92 -1.01
C ASP A 382 -6.61 -18.76 -0.70
N ALA A 383 -7.12 -17.53 -0.79
CA ALA A 383 -8.52 -17.27 -0.47
C ALA A 383 -9.44 -18.07 -1.37
N LEU A 384 -9.18 -18.07 -2.68
CA LEU A 384 -10.05 -18.77 -3.62
C LEU A 384 -9.99 -20.27 -3.40
N ALA A 385 -8.79 -20.82 -3.18
CA ALA A 385 -8.67 -22.25 -2.90
C ALA A 385 -9.40 -22.63 -1.62
N SER A 386 -9.48 -21.72 -0.66
CA SER A 386 -10.16 -22.02 0.60
C SER A 386 -11.65 -22.30 0.39
N VAL A 387 -12.25 -21.83 -0.69
CA VAL A 387 -13.66 -22.07 -0.97
C VAL A 387 -13.85 -22.85 -2.27
N GLY A 388 -12.81 -23.55 -2.73
CA GLY A 388 -12.96 -24.51 -3.80
C GLY A 388 -12.81 -23.98 -5.20
N ILE A 389 -11.95 -23.00 -5.43
CA ILE A 389 -11.70 -22.45 -6.76
C ILE A 389 -10.20 -22.44 -7.00
N THR A 390 -9.76 -23.21 -8.00
CA THR A 390 -8.36 -23.27 -8.39
C THR A 390 -8.17 -22.58 -9.73
N LEU A 391 -6.94 -22.11 -9.97
CA LEU A 391 -6.61 -21.31 -11.14
C LEU A 391 -5.74 -22.12 -12.08
N GLY A 392 -6.22 -22.32 -13.31
CA GLY A 392 -5.47 -23.03 -14.33
C GLY A 392 -5.11 -24.45 -13.97
N SER B 1 39.83 9.69 16.96
CA SER B 1 39.36 10.56 15.88
C SER B 1 39.38 9.81 14.55
N ALA B 2 38.25 9.19 14.22
CA ALA B 2 38.21 8.28 13.09
C ALA B 2 38.24 9.05 11.77
N PRO B 3 38.92 8.52 10.75
CA PRO B 3 38.88 9.16 9.43
C PRO B 3 37.50 8.99 8.80
N ARG B 4 37.07 10.02 8.09
CA ARG B 4 35.77 10.01 7.45
C ARG B 4 35.82 9.27 6.13
N ILE B 5 34.89 8.32 5.94
CA ILE B 5 34.88 7.55 4.71
C ILE B 5 34.21 8.31 3.56
N MET B 6 33.42 9.31 3.90
CA MET B 6 32.67 10.05 2.87
C MET B 6 33.32 11.41 2.59
N ARG B 7 33.48 11.74 1.32
CA ARG B 7 34.00 13.06 0.92
C ARG B 7 32.83 13.79 0.24
N LEU B 8 32.50 14.99 0.69
CA LEU B 8 31.38 15.74 0.06
C LEU B 8 31.92 16.51 -1.15
N VAL B 9 31.39 16.22 -2.33
CA VAL B 9 31.81 16.92 -3.54
C VAL B 9 30.98 18.19 -3.76
N ALA B 10 29.69 18.14 -3.45
CA ALA B 10 28.86 19.33 -3.61
C ALA B 10 27.64 19.24 -2.70
N GLU B 11 27.23 20.39 -2.18
CA GLU B 11 25.97 20.51 -1.45
C GLU B 11 25.19 21.65 -2.09
N OCS B 12 23.96 21.38 -2.50
CA OCS B 12 23.18 22.44 -3.13
CB OCS B 12 21.99 21.87 -3.90
SG OCS B 12 21.78 22.68 -5.52
C OCS B 12 22.71 23.44 -2.07
O OCS B 12 22.50 23.09 -0.92
OD1 OCS B 12 21.96 24.08 -5.38
OD2 OCS B 12 22.73 22.19 -6.44
OD3 OCS B 12 20.48 22.42 -6.00
N CYS B 12 23.94 21.36 -2.46
CA CYS B 12 23.06 22.37 -3.05
C CYS B 12 22.73 23.45 -2.03
N SER B 13 22.57 24.69 -2.50
CA SER B 13 22.26 25.80 -1.60
C SER B 13 20.85 25.75 -1.02
N ARG B 14 19.91 25.16 -1.76
CA ARG B 14 18.50 25.18 -1.33
C ARG B 14 18.14 23.92 -0.54
N SER B 15 18.11 22.78 -1.20
CA SER B 15 17.73 21.55 -0.52
C SER B 15 18.88 21.01 0.32
N ARG B 16 18.67 19.87 0.94
CA ARG B 16 19.70 19.18 1.70
C ARG B 16 20.53 18.23 0.85
N ALA B 17 20.27 18.21 -0.46
CA ALA B 17 20.91 17.26 -1.40
C ALA B 17 22.43 17.39 -1.40
N ARG B 18 23.11 16.24 -1.41
CA ARG B 18 24.58 16.18 -1.38
C ARG B 18 25.11 15.25 -2.47
N ALA B 19 26.20 15.63 -3.13
CA ALA B 19 26.89 14.76 -4.09
C ALA B 19 28.21 14.40 -3.42
N GLY B 20 28.52 13.12 -3.29
CA GLY B 20 29.73 12.75 -2.57
C GLY B 20 30.40 11.46 -3.01
N GLU B 21 31.40 11.03 -2.24
CA GLU B 21 32.16 9.83 -2.53
C GLU B 21 32.34 9.00 -1.27
N LEU B 22 32.07 7.70 -1.38
CA LEU B 22 32.44 6.72 -0.36
C LEU B 22 33.77 6.11 -0.73
N TRP B 23 34.77 6.26 0.13
CA TRP B 23 36.10 5.70 -0.09
C TRP B 23 36.18 4.39 0.68
N LEU B 24 35.98 3.29 -0.05
CA LEU B 24 35.83 1.96 0.50
C LEU B 24 36.94 1.05 0.02
N PRO B 25 37.26 -0.01 0.77
CA PRO B 25 38.39 -0.89 0.40
C PRO B 25 38.31 -1.44 -1.01
N HIS B 26 37.12 -1.65 -1.55
CA HIS B 26 36.96 -2.19 -2.89
C HIS B 26 36.54 -1.13 -3.91
N GLY B 27 36.81 0.15 -3.63
CA GLY B 27 36.62 1.18 -4.63
C GLY B 27 35.71 2.33 -4.23
N THR B 28 35.92 3.48 -4.87
CA THR B 28 35.15 4.68 -4.59
C THR B 28 33.76 4.60 -5.20
N VAL B 29 32.75 4.98 -4.42
CA VAL B 29 31.35 4.92 -4.83
C VAL B 29 30.80 6.34 -4.88
N ALA B 30 30.21 6.71 -6.02
CA ALA B 30 29.54 8.00 -6.12
C ALA B 30 28.22 7.96 -5.37
N THR B 31 27.89 9.05 -4.67
CA THR B 31 26.65 9.17 -3.95
C THR B 31 25.91 10.44 -4.38
N PRO B 32 24.57 10.41 -4.43
CA PRO B 32 23.65 9.35 -3.98
C PRO B 32 23.75 8.06 -4.79
N VAL B 33 23.50 6.93 -4.15
CA VAL B 33 23.68 5.62 -4.76
C VAL B 33 22.50 4.73 -4.41
N PHE B 34 21.91 4.10 -5.43
CA PHE B 34 21.00 2.99 -5.20
C PHE B 34 21.80 1.70 -5.22
N MET B 35 21.57 0.85 -4.22
CA MET B 35 22.34 -0.38 -4.09
C MET B 35 21.45 -1.58 -4.42
N PRO B 36 21.68 -2.25 -5.54
CA PRO B 36 20.88 -3.44 -5.86
C PRO B 36 21.34 -4.64 -5.04
N VAL B 37 20.47 -5.65 -5.00
CA VAL B 37 20.81 -6.90 -4.33
C VAL B 37 21.62 -7.75 -5.30
N GLY B 38 22.89 -7.96 -4.99
CA GLY B 38 23.73 -8.87 -5.75
C GLY B 38 23.62 -10.31 -5.32
N THR B 39 22.93 -10.57 -4.21
CA THR B 39 22.72 -11.93 -3.73
C THR B 39 21.88 -12.72 -4.75
N GLN B 40 22.26 -13.98 -4.97
CA GLN B 40 21.66 -14.81 -6.00
C GLN B 40 20.55 -15.71 -5.45
N ALA B 41 19.94 -15.35 -4.32
CA ALA B 41 18.96 -16.24 -3.69
C ALA B 41 17.82 -16.59 -4.63
N THR B 42 17.46 -15.60 -5.47
CA THR B 42 16.35 -15.71 -6.44
C THR B 42 16.67 -16.73 -7.53
N MET B 43 15.65 -17.51 -7.91
CA MET B 43 15.72 -18.46 -9.06
C MET B 43 15.87 -17.64 -10.34
N LYS B 44 15.19 -16.48 -10.35
CA LYS B 44 15.22 -15.52 -11.48
C LYS B 44 15.78 -14.19 -10.95
N GLY B 45 16.78 -13.64 -11.64
CA GLY B 45 17.39 -12.39 -11.25
C GLY B 45 18.50 -12.00 -12.20
N ILE B 46 19.38 -11.13 -11.70
CA ILE B 46 20.51 -10.61 -12.44
C ILE B 46 21.80 -11.12 -11.80
N THR B 47 22.78 -11.43 -12.64
CA THR B 47 24.07 -11.92 -12.15
C THR B 47 24.99 -10.75 -11.81
N THR B 48 26.02 -11.04 -11.02
CA THR B 48 26.95 -10.00 -10.62
C THR B 48 27.78 -9.50 -11.80
N GLU B 49 28.02 -10.35 -12.79
CA GLU B 49 28.73 -9.90 -13.99
C GLU B 49 27.93 -8.82 -14.71
N GLN B 50 26.62 -9.01 -14.83
CA GLN B 50 25.77 -8.00 -15.45
C GLN B 50 25.71 -6.74 -14.60
N LEU B 51 25.66 -6.89 -13.27
CA LEU B 51 25.71 -5.73 -12.39
C LEU B 51 26.97 -4.90 -12.64
N ASP B 52 28.13 -5.58 -12.69
CA ASP B 52 29.38 -4.90 -12.99
C ASP B 52 29.31 -4.22 -14.35
N ALA B 53 28.73 -4.89 -15.34
CA ALA B 53 28.58 -4.28 -16.66
C ALA B 53 27.75 -3.01 -16.59
N LEU B 54 26.71 -3.00 -15.75
CA LEU B 54 25.83 -1.84 -15.63
C LEU B 54 26.48 -0.68 -14.91
N GLY B 55 27.68 -0.86 -14.35
CA GLY B 55 28.37 0.19 -13.63
C GLY B 55 28.18 0.19 -12.13
N CYS B 56 27.43 -0.76 -11.60
CA CYS B 56 27.22 -0.86 -10.16
C CYS B 56 28.54 -1.09 -9.44
N ARG B 57 28.88 -0.22 -8.50
CA ARG B 57 30.11 -0.34 -7.74
C ARG B 57 29.88 -0.68 -6.27
N ILE B 58 28.62 -0.89 -5.87
CA ILE B 58 28.31 -1.41 -4.54
C ILE B 58 26.94 -2.07 -4.59
N CYS B 59 26.85 -3.27 -4.02
CA CYS B 59 25.57 -3.99 -3.97
C CYS B 59 25.41 -4.61 -2.60
N LEU B 60 24.21 -5.08 -2.33
CA LEU B 60 23.92 -5.79 -1.09
C LEU B 60 24.26 -7.27 -1.25
N GLY B 61 24.57 -7.90 -0.13
CA GLY B 61 24.87 -9.33 -0.13
C GLY B 61 24.89 -9.91 1.26
N ASN B 62 24.08 -10.94 1.49
CA ASN B 62 24.06 -11.65 2.76
C ASN B 62 24.12 -13.15 2.48
N THR B 63 24.26 -13.92 3.55
CA THR B 63 24.27 -15.38 3.46
C THR B 63 23.06 -15.99 4.16
N TYR B 64 21.98 -15.22 4.34
CA TYR B 64 20.81 -15.73 5.05
C TYR B 64 20.18 -16.91 4.32
N HIS B 65 20.27 -16.95 3.00
CA HIS B 65 19.61 -18.00 2.22
C HIS B 65 20.39 -19.31 2.18
N LEU B 66 21.67 -19.29 2.57
CA LEU B 66 22.49 -20.50 2.54
C LEU B 66 22.26 -21.32 3.80
N GLY B 67 22.82 -22.53 3.81
CA GLY B 67 22.86 -23.34 5.02
C GLY B 67 21.59 -24.12 5.29
N LEU B 68 21.53 -24.66 6.51
CA LEU B 68 20.49 -25.61 6.92
C LEU B 68 19.37 -24.96 7.73
N ARG B 69 19.71 -24.06 8.65
CA ARG B 69 18.71 -23.40 9.49
C ARG B 69 18.63 -21.93 9.10
N PRO B 70 17.57 -21.22 9.45
CA PRO B 70 17.49 -19.79 9.14
C PRO B 70 18.55 -19.00 9.90
N GLY B 71 18.88 -17.84 9.34
CA GLY B 71 19.86 -16.96 9.93
C GLY B 71 21.12 -16.85 9.09
N PRO B 72 21.98 -15.89 9.42
CA PRO B 72 23.22 -15.73 8.67
C PRO B 72 24.11 -16.95 8.83
N GLU B 73 24.95 -17.19 7.82
CA GLU B 73 25.75 -18.40 7.74
C GLU B 73 27.21 -18.05 7.45
N LEU B 74 28.12 -18.76 8.11
CA LEU B 74 29.52 -18.76 7.70
C LEU B 74 29.69 -19.60 6.45
N ILE B 75 30.56 -19.16 5.55
CA ILE B 75 30.75 -19.85 4.28
C ILE B 75 32.10 -20.52 4.15
N GLN B 76 33.04 -20.23 5.05
CA GLN B 76 34.35 -20.88 5.07
C GLN B 76 35.05 -20.76 3.72
N LYS B 77 35.13 -19.54 3.20
CA LYS B 77 35.79 -19.26 1.94
C LYS B 77 37.00 -18.38 2.19
N ALA B 78 38.11 -18.69 1.52
CA ALA B 78 39.34 -17.94 1.74
C ALA B 78 39.18 -16.48 1.31
N ASN B 79 38.42 -16.24 0.24
CA ASN B 79 38.23 -14.90 -0.30
C ASN B 79 36.94 -14.25 0.17
N GLY B 80 36.27 -14.83 1.17
CA GLY B 80 35.08 -14.24 1.76
C GLY B 80 33.92 -14.14 0.78
N LEU B 81 32.97 -13.26 1.16
CA LEU B 81 31.78 -13.07 0.36
C LEU B 81 32.10 -12.50 -1.01
N HIS B 82 33.18 -11.71 -1.13
CA HIS B 82 33.60 -11.21 -2.43
C HIS B 82 33.95 -12.36 -3.37
N GLY B 83 34.79 -13.28 -2.92
CA GLY B 83 35.11 -14.43 -3.74
C GLY B 83 33.91 -15.31 -4.00
N PHE B 84 33.06 -15.49 -2.99
CA PHE B 84 31.85 -16.28 -3.17
C PHE B 84 30.98 -15.71 -4.29
N MET B 85 30.82 -14.39 -4.32
CA MET B 85 29.98 -13.74 -5.32
C MET B 85 30.75 -13.41 -6.60
N ASN B 86 32.07 -13.56 -6.61
CA ASN B 86 32.91 -13.16 -7.75
C ASN B 86 32.74 -11.66 -8.04
N TRP B 87 32.69 -10.88 -6.97
CA TRP B 87 32.38 -9.46 -7.04
C TRP B 87 33.61 -8.63 -6.72
N PRO B 88 34.15 -7.86 -7.67
CA PRO B 88 35.36 -7.07 -7.40
C PRO B 88 35.10 -5.73 -6.75
N HIS B 89 33.85 -5.35 -6.51
CA HIS B 89 33.55 -4.03 -5.98
C HIS B 89 33.07 -4.15 -4.53
N ASN B 90 32.30 -3.17 -4.07
CA ASN B 90 31.97 -3.07 -2.66
C ASN B 90 30.69 -3.83 -2.32
N LEU B 91 30.64 -4.34 -1.10
CA LEU B 91 29.50 -5.11 -0.60
C LEU B 91 28.99 -4.49 0.69
N LEU B 92 27.67 -4.43 0.82
CA LEU B 92 27.01 -4.04 2.06
C LEU B 92 26.21 -5.24 2.55
N THR B 93 26.42 -5.63 3.80
CA THR B 93 25.88 -6.87 4.33
C THR B 93 25.00 -6.59 5.55
N ASP B 94 23.86 -7.28 5.50
CA ASP B 94 22.78 -7.32 6.51
C ASP B 94 23.19 -8.27 7.63
N SER B 95 22.61 -8.09 8.81
CA SER B 95 22.85 -8.95 9.99
C SER B 95 22.27 -10.34 9.74
N GLY B 96 21.14 -10.36 9.07
CA GLY B 96 20.35 -11.58 8.80
C GLY B 96 19.21 -11.69 9.79
N GLY B 97 19.26 -10.78 10.78
CA GLY B 97 18.30 -10.61 11.88
C GLY B 97 16.96 -10.05 11.46
N PHE B 98 16.94 -9.03 10.62
CA PHE B 98 15.66 -8.43 10.15
C PHE B 98 14.90 -9.48 9.36
N GLN B 99 15.63 -10.21 8.51
CA GLN B 99 15.06 -11.31 7.72
C GLN B 99 14.59 -12.39 8.69
N MET B 100 15.38 -12.67 9.74
CA MET B 100 14.99 -13.72 10.67
C MET B 100 13.61 -13.45 11.26
N VAL B 101 13.46 -12.33 11.98
CA VAL B 101 12.20 -12.03 12.65
C VAL B 101 11.07 -11.90 11.65
N SER B 102 11.31 -11.23 10.52
CA SER B 102 10.23 -10.96 9.58
C SER B 102 9.75 -12.22 8.88
N LEU B 103 10.68 -13.10 8.52
CA LEU B 103 10.34 -14.28 7.72
C LEU B 103 9.86 -15.45 8.55
N VAL B 104 10.34 -15.61 9.78
CA VAL B 104 9.88 -16.74 10.58
C VAL B 104 8.60 -16.40 11.33
N SER B 105 8.60 -15.28 12.06
CA SER B 105 7.48 -14.81 12.87
C SER B 105 7.21 -15.70 14.08
N LEU B 106 7.85 -16.86 14.14
CA LEU B 106 7.89 -17.66 15.36
C LEU B 106 9.19 -17.46 16.11
N SER B 107 10.08 -16.62 15.59
CA SER B 107 11.31 -16.25 16.29
C SER B 107 11.01 -15.18 17.33
N GLU B 108 11.71 -15.25 18.46
CA GLU B 108 11.48 -14.32 19.57
C GLU B 108 12.72 -13.47 19.80
N VAL B 109 12.49 -12.24 20.26
CA VAL B 109 13.61 -11.28 20.53
C VAL B 109 13.80 -11.16 22.04
N THR B 110 15.05 -11.37 22.47
CA THR B 110 15.46 -11.29 23.89
C THR B 110 16.65 -10.32 23.99
N GLU B 111 16.99 -9.90 25.20
CA GLU B 111 18.12 -8.95 25.32
C GLU B 111 19.37 -9.63 24.75
N GLU B 112 19.39 -10.96 24.74
CA GLU B 112 20.57 -11.63 24.23
C GLU B 112 20.60 -11.66 22.70
N GLY B 113 19.44 -11.63 22.05
CA GLY B 113 19.42 -11.55 20.59
C GLY B 113 18.13 -12.14 20.03
N VAL B 114 18.21 -12.52 18.76
CA VAL B 114 17.07 -13.14 18.02
C VAL B 114 17.27 -14.65 18.12
N ARG B 115 16.24 -15.36 18.58
CA ARG B 115 16.32 -16.82 18.77
C ARG B 115 15.26 -17.52 17.92
N PHE B 116 15.67 -18.53 17.16
CA PHE B 116 14.70 -19.33 16.37
C PHE B 116 14.83 -20.79 16.80
N ARG B 117 13.72 -21.42 17.15
CA ARG B 117 13.76 -22.86 17.56
C ARG B 117 13.05 -23.67 16.49
N SER B 118 13.74 -24.67 15.93
CA SER B 118 13.15 -25.52 14.87
C SER B 118 12.14 -26.50 15.46
N PRO B 119 10.97 -26.68 14.82
CA PRO B 119 9.96 -27.66 15.23
C PRO B 119 10.43 -29.12 15.03
N TYR B 120 11.17 -29.39 13.95
CA TYR B 120 11.59 -30.78 13.60
C TYR B 120 12.48 -31.40 14.68
N ASP B 121 13.50 -30.69 15.17
CA ASP B 121 14.36 -31.25 16.20
C ASP B 121 14.57 -30.30 17.38
N GLY B 122 13.84 -29.19 17.45
CA GLY B 122 14.02 -28.25 18.53
C GLY B 122 15.29 -27.42 18.44
N ASN B 123 16.03 -27.52 17.33
CA ASN B 123 17.28 -26.80 17.17
C ASN B 123 17.05 -25.30 17.31
N GLU B 124 17.75 -24.68 18.25
CA GLU B 124 17.60 -23.25 18.53
C GLU B 124 18.85 -22.51 18.07
N THR B 125 18.67 -21.64 17.09
CA THR B 125 19.70 -20.71 16.62
C THR B 125 19.52 -19.38 17.31
N LEU B 126 20.61 -18.86 17.88
CA LEU B 126 20.61 -17.56 18.54
C LEU B 126 21.56 -16.64 17.79
N LEU B 127 21.03 -15.51 17.32
CA LEU B 127 21.81 -14.46 16.68
C LEU B 127 21.96 -13.33 17.70
N SER B 128 23.11 -13.25 18.32
CA SER B 128 23.48 -12.16 19.20
C SER B 128 24.22 -11.09 18.40
N PRO B 129 24.34 -9.88 18.94
CA PRO B 129 25.23 -8.89 18.29
C PRO B 129 26.63 -9.42 18.08
N GLU B 130 27.19 -10.09 19.08
CA GLU B 130 28.51 -10.68 18.95
C GLU B 130 28.59 -11.61 17.75
N LYS B 131 27.68 -12.58 17.67
CA LYS B 131 27.73 -13.58 16.60
C LYS B 131 27.54 -12.93 15.22
N SER B 132 26.59 -11.99 15.13
CA SER B 132 26.38 -11.26 13.88
C SER B 132 27.67 -10.57 13.43
N VAL B 133 28.35 -9.90 14.35
CA VAL B 133 29.57 -9.19 13.98
C VAL B 133 30.67 -10.16 13.58
N GLN B 134 30.75 -11.32 14.25
CA GLN B 134 31.79 -12.28 13.87
C GLN B 134 31.55 -12.83 12.47
N ILE B 135 30.30 -13.16 12.15
CA ILE B 135 29.98 -13.62 10.82
C ILE B 135 30.31 -12.55 9.78
N GLN B 136 29.97 -11.29 10.08
CA GLN B 136 30.25 -10.21 9.13
C GLN B 136 31.75 -10.00 8.97
N ASN B 137 32.51 -10.15 10.07
CA ASN B 137 33.97 -10.02 9.98
C ASN B 137 34.57 -11.11 9.09
N ALA B 138 34.04 -12.33 9.20
CA ALA B 138 34.52 -13.41 8.34
C ALA B 138 34.14 -13.17 6.88
N LEU B 139 32.91 -12.68 6.64
CA LEU B 139 32.45 -12.49 5.27
C LEU B 139 33.28 -11.44 4.53
N GLY B 140 33.78 -10.43 5.23
CA GLY B 140 34.65 -9.44 4.61
C GLY B 140 33.95 -8.37 3.81
N SER B 141 32.70 -8.06 4.13
CA SER B 141 31.97 -7.03 3.40
C SER B 141 32.49 -5.65 3.77
N ASP B 142 32.42 -4.72 2.82
CA ASP B 142 32.99 -3.39 3.00
C ASP B 142 32.20 -2.56 4.01
N ILE B 143 30.88 -2.70 4.03
CA ILE B 143 30.03 -2.02 5.00
C ILE B 143 29.15 -3.07 5.66
N ILE B 144 29.11 -3.07 6.98
CA ILE B 144 28.31 -4.03 7.73
C ILE B 144 27.32 -3.27 8.62
N MET B 145 26.15 -3.86 8.78
CA MET B 145 25.04 -3.21 9.48
C MET B 145 24.87 -3.81 10.88
N GLN B 146 24.77 -2.94 11.88
CA GLN B 146 24.51 -3.36 13.25
C GLN B 146 23.27 -4.24 13.32
N LEU B 147 23.27 -5.18 14.26
CA LEU B 147 22.06 -5.92 14.60
C LEU B 147 21.15 -5.03 15.46
N ASP B 148 19.91 -4.89 15.05
CA ASP B 148 18.97 -4.01 15.75
C ASP B 148 17.70 -4.78 16.10
N ASP B 149 16.94 -4.21 17.03
CA ASP B 149 15.64 -4.74 17.43
C ASP B 149 14.58 -4.05 16.59
N VAL B 150 14.11 -4.76 15.56
CA VAL B 150 13.21 -4.18 14.56
C VAL B 150 11.77 -4.42 14.97
N VAL B 151 10.97 -3.37 14.96
CA VAL B 151 9.53 -3.46 15.17
C VAL B 151 8.84 -2.82 13.98
N SER B 152 7.66 -3.34 13.64
CA SER B 152 6.87 -2.75 12.56
C SER B 152 6.45 -1.34 12.94
N SER B 153 6.53 -0.43 11.97
CA SER B 153 6.21 0.98 12.22
C SER B 153 4.76 1.19 12.59
N THR B 154 3.86 0.27 12.19
CA THR B 154 2.47 0.40 12.58
C THR B 154 2.25 0.01 14.03
N VAL B 155 3.12 -0.83 14.59
CA VAL B 155 2.99 -1.21 15.99
C VAL B 155 3.21 0.00 16.88
N THR B 156 2.36 0.12 17.90
CA THR B 156 2.43 1.22 18.85
C THR B 156 2.53 0.65 20.26
N GLY B 157 3.04 1.47 21.18
CA GLY B 157 3.10 1.10 22.57
C GLY B 157 4.52 1.01 23.08
N PRO B 158 4.69 0.40 24.26
CA PRO B 158 6.03 0.29 24.86
C PRO B 158 7.00 -0.54 24.01
N ARG B 159 6.49 -1.35 23.09
CA ARG B 159 7.35 -2.17 22.25
C ARG B 159 8.32 -1.31 21.46
N VAL B 160 7.86 -0.19 20.93
CA VAL B 160 8.70 0.68 20.10
C VAL B 160 9.89 1.20 20.91
N GLU B 161 9.60 1.79 22.07
CA GLU B 161 10.64 2.37 22.92
C GLU B 161 11.61 1.29 23.41
N GLU B 162 11.07 0.13 23.80
CA GLU B 162 11.91 -0.98 24.23
C GLU B 162 12.87 -1.39 23.13
N ALA B 163 12.35 -1.53 21.91
CA ALA B 163 13.18 -1.93 20.77
C ALA B 163 14.25 -0.86 20.52
N MET B 164 13.87 0.41 20.64
CA MET B 164 14.80 1.55 20.40
C MET B 164 15.96 1.52 21.40
N TYR B 165 15.67 1.30 22.69
CA TYR B 165 16.74 1.23 23.73
C TYR B 165 17.61 -0.01 23.52
N ARG B 166 16.97 -1.14 23.22
CA ARG B 166 17.71 -2.38 22.98
C ARG B 166 18.60 -2.25 21.76
N SER B 167 18.17 -1.48 20.75
CA SER B 167 19.01 -1.24 19.58
C SER B 167 20.26 -0.46 19.95
N ILE B 168 20.13 0.52 20.84
CA ILE B 168 21.32 1.24 21.31
C ILE B 168 22.29 0.26 21.98
N ARG B 169 21.77 -0.54 22.91
CA ARG B 169 22.63 -1.48 23.62
C ARG B 169 23.31 -2.45 22.66
N TRP B 170 22.56 -2.92 21.65
CA TRP B 170 23.14 -3.82 20.67
C TRP B 170 24.18 -3.14 19.79
N LEU B 171 23.99 -1.84 19.51
CA LEU B 171 25.02 -1.11 18.77
C LEU B 171 26.33 -1.08 19.56
N ASP B 172 26.24 -0.81 20.86
CA ASP B 172 27.46 -0.82 21.67
C ASP B 172 28.09 -2.21 21.71
N ARG B 173 27.26 -3.26 21.80
CA ARG B 173 27.79 -4.62 21.76
C ARG B 173 28.49 -4.90 20.43
N CYS B 174 27.88 -4.49 19.31
CA CYS B 174 28.46 -4.71 18.00
C CYS B 174 29.78 -3.97 17.85
N ILE B 175 29.85 -2.74 18.36
CA ILE B 175 31.11 -1.99 18.33
C ILE B 175 32.17 -2.72 19.13
N ALA B 176 31.79 -3.26 20.30
CA ALA B 176 32.76 -3.99 21.12
C ALA B 176 33.26 -5.23 20.40
N ALA B 177 32.37 -5.97 19.73
CA ALA B 177 32.76 -7.21 19.08
C ALA B 177 33.43 -7.01 17.72
N HIS B 178 33.49 -5.77 17.24
CA HIS B 178 33.87 -5.49 15.85
C HIS B 178 35.39 -5.56 15.70
N GLN B 179 35.88 -6.67 15.16
CA GLN B 179 37.23 -6.70 14.63
C GLN B 179 37.23 -6.08 13.23
N ARG B 180 38.42 -5.75 12.75
CA ARG B 180 38.65 -5.17 11.44
C ARG B 180 37.87 -3.89 11.16
N PRO B 181 37.90 -2.87 12.03
CA PRO B 181 37.39 -1.56 11.61
C PRO B 181 38.26 -0.88 10.58
N ASP B 182 39.49 -1.38 10.36
CA ASP B 182 40.36 -0.85 9.32
C ASP B 182 39.99 -1.34 7.92
N LYS B 183 39.17 -2.40 7.82
CA LYS B 183 38.74 -2.93 6.55
C LYS B 183 37.24 -2.95 6.36
N GLN B 184 36.46 -2.81 7.43
CA GLN B 184 35.00 -2.85 7.37
C GLN B 184 34.41 -1.68 8.13
N ASN B 185 33.31 -1.15 7.61
CA ASN B 185 32.67 0.04 8.14
C ASN B 185 31.32 -0.35 8.74
N LEU B 186 31.21 -0.24 10.06
CA LEU B 186 29.97 -0.58 10.76
C LEU B 186 29.04 0.63 10.77
N PHE B 187 27.78 0.40 10.41
CA PHE B 187 26.78 1.45 10.42
C PHE B 187 25.80 1.21 11.55
N ALA B 188 25.37 2.29 12.19
CA ALA B 188 24.28 2.22 13.14
C ALA B 188 22.96 2.42 12.43
N ILE B 189 21.88 1.96 13.04
CA ILE B 189 20.54 2.06 12.46
C ILE B 189 19.66 2.82 13.44
N ILE B 190 19.21 4.00 13.02
CA ILE B 190 18.34 4.82 13.87
C ILE B 190 16.96 4.18 13.95
N GLN B 191 16.46 4.01 15.17
CA GLN B 191 15.14 3.45 15.41
C GLN B 191 14.19 4.55 15.90
N GLY B 192 13.07 4.14 16.46
CA GLY B 192 12.08 5.07 16.98
C GLY B 192 10.74 5.02 16.28
N GLY B 193 10.63 4.32 15.15
CA GLY B 193 9.35 4.24 14.47
C GLY B 193 8.86 5.61 14.02
N LEU B 194 7.57 5.87 14.24
CA LEU B 194 6.96 7.12 13.85
C LEU B 194 6.81 8.10 15.01
N ASP B 195 7.41 7.79 16.15
CA ASP B 195 7.37 8.65 17.33
C ASP B 195 8.55 9.61 17.25
N ALA B 196 8.25 10.90 17.12
CA ALA B 196 9.30 11.90 16.95
C ALA B 196 10.22 11.94 18.17
N ASP B 197 9.66 11.82 19.37
CA ASP B 197 10.48 11.90 20.58
C ASP B 197 11.41 10.71 20.70
N LEU B 198 10.91 9.49 20.43
CA LEU B 198 11.75 8.31 20.50
C LEU B 198 12.87 8.36 19.47
N ARG B 199 12.55 8.75 18.23
CA ARG B 199 13.57 8.81 17.20
C ARG B 199 14.57 9.92 17.48
N ALA B 200 14.13 11.02 18.09
CA ALA B 200 15.08 12.08 18.46
C ALA B 200 16.02 11.61 19.56
N THR B 201 15.49 10.90 20.56
CA THR B 201 16.33 10.27 21.56
C THR B 201 17.36 9.35 20.90
N CYS B 202 16.90 8.54 19.95
CA CYS B 202 17.77 7.59 19.29
C CYS B 202 18.88 8.29 18.50
N LEU B 203 18.52 9.37 17.81
CA LEU B 203 19.52 10.13 17.06
C LEU B 203 20.55 10.73 18.01
N GLU B 204 20.08 11.42 19.06
CA GLU B 204 20.97 12.04 20.02
C GLU B 204 21.93 11.02 20.64
N GLU B 205 21.42 9.83 20.96
CA GLU B 205 22.26 8.84 21.62
C GLU B 205 23.21 8.16 20.65
N MET B 206 22.70 7.68 19.51
CA MET B 206 23.53 6.92 18.59
C MET B 206 24.60 7.78 17.92
N THR B 207 24.35 9.09 17.75
CA THR B 207 25.41 9.91 17.17
C THR B 207 26.56 10.15 18.13
N LYS B 208 26.40 9.82 19.43
CA LYS B 208 27.52 9.85 20.35
C LYS B 208 28.53 8.76 20.06
N ARG B 209 28.11 7.67 19.41
CA ARG B 209 29.03 6.63 18.98
C ARG B 209 29.71 7.04 17.69
N ASP B 210 30.99 6.73 17.58
CA ASP B 210 31.80 7.16 16.43
C ASP B 210 31.86 6.09 15.35
N VAL B 211 30.69 5.62 14.91
CA VAL B 211 30.62 4.65 13.84
C VAL B 211 30.83 5.37 12.51
N PRO B 212 31.36 4.69 11.48
CA PRO B 212 31.63 5.37 10.21
C PRO B 212 30.40 5.91 9.50
N GLY B 213 29.22 5.36 9.76
CA GLY B 213 28.04 5.82 9.04
C GLY B 213 26.77 5.51 9.81
N PHE B 214 25.67 6.10 9.33
CA PHE B 214 24.38 6.00 9.99
C PHE B 214 23.30 5.67 8.98
N ALA B 215 22.37 4.81 9.40
CA ALA B 215 21.24 4.42 8.58
C ALA B 215 19.95 4.78 9.29
N ILE B 216 18.91 5.00 8.50
CA ILE B 216 17.56 5.26 8.96
C ILE B 216 16.75 4.01 8.69
N GLY B 217 16.29 3.36 9.77
CA GLY B 217 15.43 2.20 9.68
C GLY B 217 14.09 2.46 10.35
N GLY B 218 13.21 1.47 10.23
CA GLY B 218 11.88 1.57 10.81
C GLY B 218 10.84 2.19 9.91
N LEU B 219 11.27 2.71 8.76
CA LEU B 219 10.32 3.33 7.82
C LEU B 219 9.98 2.34 6.69
N SER B 220 9.11 2.75 5.77
CA SER B 220 8.64 1.91 4.63
C SER B 220 8.00 0.63 5.15
N GLY B 221 7.20 0.74 6.21
CA GLY B 221 6.44 -0.38 6.77
C GLY B 221 4.99 -0.26 6.39
N GLY B 222 4.70 0.60 5.41
CA GLY B 222 3.34 0.88 4.99
C GLY B 222 2.71 2.10 5.61
N GLU B 223 3.37 2.75 6.57
CA GLU B 223 2.79 3.90 7.25
C GLU B 223 2.55 5.04 6.26
N SER B 224 1.86 6.07 6.75
CA SER B 224 1.48 7.18 5.88
C SER B 224 2.73 7.90 5.36
N LYS B 225 2.60 8.46 4.17
CA LYS B 225 3.73 9.15 3.54
C LYS B 225 4.11 10.42 4.30
N SER B 226 3.14 11.06 4.97
CA SER B 226 3.45 12.21 5.81
C SER B 226 4.42 11.84 6.92
N GLN B 227 4.05 10.85 7.73
CA GLN B 227 4.95 10.38 8.78
C GLN B 227 6.27 9.90 8.20
N PHE B 228 6.24 9.28 7.03
CA PHE B 228 7.46 8.80 6.40
C PHE B 228 8.44 9.94 6.14
N TRP B 229 8.02 10.93 5.36
CA TRP B 229 8.95 12.01 5.04
C TRP B 229 9.30 12.84 6.26
N ARG B 230 8.40 12.92 7.24
CA ARG B 230 8.72 13.67 8.45
C ARG B 230 9.80 12.97 9.27
N MET B 231 9.73 11.64 9.38
CA MET B 231 10.78 10.91 10.08
C MET B 231 12.11 11.01 9.34
N VAL B 232 12.08 10.90 8.00
CA VAL B 232 13.31 11.06 7.24
C VAL B 232 13.92 12.44 7.47
N ALA B 233 13.08 13.49 7.44
CA ALA B 233 13.59 14.85 7.59
C ALA B 233 14.15 15.08 8.98
N LEU B 234 13.45 14.59 10.01
CA LEU B 234 13.97 14.67 11.37
C LEU B 234 15.34 14.02 11.47
N SER B 235 15.44 12.77 11.00
CA SER B 235 16.69 12.02 11.09
C SER B 235 17.83 12.77 10.41
N THR B 236 17.62 13.22 9.17
CA THR B 236 18.70 13.90 8.47
C THR B 236 19.01 15.26 9.09
N SER B 237 18.02 15.92 9.68
CA SER B 237 18.28 17.16 10.39
C SER B 237 19.16 16.93 11.61
N ARG B 238 19.14 15.73 12.18
CA ARG B 238 19.98 15.46 13.34
C ARG B 238 21.11 14.47 13.09
N LEU B 239 21.34 14.05 11.81
CA LEU B 239 22.49 13.18 11.59
C LEU B 239 23.69 13.98 11.11
N PRO B 240 24.91 13.55 11.46
CA PRO B 240 26.11 14.32 11.06
C PRO B 240 26.23 14.45 9.56
N LYS B 241 26.53 15.67 9.10
CA LYS B 241 26.65 15.94 7.68
C LYS B 241 27.91 15.33 7.08
N ASP B 242 28.94 15.11 7.88
CA ASP B 242 30.21 14.62 7.36
C ASP B 242 30.29 13.09 7.32
N LYS B 243 29.16 12.42 7.45
CA LYS B 243 29.07 10.97 7.41
C LYS B 243 27.86 10.60 6.53
N PRO B 244 27.87 9.41 5.94
CA PRO B 244 26.78 9.03 5.04
C PRO B 244 25.47 8.84 5.79
N ARG B 245 24.38 9.00 5.04
CA ARG B 245 23.03 8.66 5.51
C ARG B 245 22.48 7.58 4.59
N TYR B 246 22.17 6.42 5.16
CA TYR B 246 21.67 5.26 4.42
C TYR B 246 20.21 5.06 4.80
N LEU B 247 19.30 5.37 3.88
CA LEU B 247 17.88 5.18 4.12
C LEU B 247 17.47 3.78 3.68
N MET B 248 17.01 2.95 4.61
CA MET B 248 16.77 1.54 4.29
C MET B 248 15.38 1.31 3.75
N GLY B 249 15.29 0.43 2.75
CA GLY B 249 14.04 -0.03 2.14
C GLY B 249 13.24 0.94 1.29
N VAL B 250 13.91 1.84 0.58
CA VAL B 250 13.20 2.82 -0.29
C VAL B 250 13.70 2.63 -1.72
N GLY B 251 12.79 2.33 -2.66
CA GLY B 251 13.25 2.19 -4.05
C GLY B 251 12.41 2.91 -5.09
N TYR B 252 11.25 3.43 -4.72
CA TYR B 252 10.38 4.16 -5.69
C TYR B 252 11.14 5.40 -6.17
N ALA B 253 11.06 5.73 -7.46
CA ALA B 253 11.85 6.84 -8.00
C ALA B 253 11.51 8.15 -7.33
N THR B 254 10.22 8.41 -7.10
CA THR B 254 9.80 9.63 -6.41
C THR B 254 10.35 9.65 -4.99
N ASP B 255 10.26 8.53 -4.28
CA ASP B 255 10.85 8.45 -2.95
C ASP B 255 12.35 8.73 -2.99
N LEU B 256 13.03 8.20 -4.01
CA LEU B 256 14.46 8.43 -4.14
C LEU B 256 14.76 9.92 -4.31
N VAL B 257 14.09 10.59 -5.24
CA VAL B 257 14.36 12.00 -5.49
C VAL B 257 14.05 12.82 -4.24
N VAL B 258 12.91 12.56 -3.61
CA VAL B 258 12.51 13.31 -2.42
C VAL B 258 13.53 13.13 -1.30
N CYS B 259 13.92 11.89 -1.02
CA CYS B 259 14.82 11.64 0.10
C CYS B 259 16.24 12.10 -0.20
N VAL B 260 16.62 12.17 -1.47
CA VAL B 260 17.86 12.86 -1.82
C VAL B 260 17.75 14.34 -1.47
N ALA B 261 16.61 14.95 -1.80
CA ALA B 261 16.39 16.35 -1.42
C ALA B 261 16.38 16.54 0.09
N LEU B 262 16.10 15.48 0.85
CA LEU B 262 16.09 15.56 2.31
C LEU B 262 17.45 15.22 2.93
N GLY B 263 18.42 14.81 2.13
CA GLY B 263 19.78 14.62 2.61
C GLY B 263 20.27 13.19 2.73
N CYS B 264 19.57 12.23 2.14
CA CYS B 264 20.02 10.85 2.21
C CYS B 264 21.02 10.55 1.10
N ASP B 265 21.92 9.60 1.37
CA ASP B 265 23.01 9.28 0.46
C ASP B 265 22.93 7.89 -0.13
N MET B 266 22.32 6.94 0.56
CA MET B 266 22.30 5.54 0.11
C MET B 266 20.90 4.99 0.26
N PHE B 267 20.50 4.16 -0.71
CA PHE B 267 19.17 3.56 -0.71
C PHE B 267 19.27 2.11 -1.12
N ASP B 268 18.24 1.34 -0.78
CA ASP B 268 18.15 -0.08 -1.19
C ASP B 268 16.68 -0.45 -1.25
N CYS B 269 16.32 -1.36 -2.16
CA CYS B 269 14.95 -1.87 -2.27
C CYS B 269 14.89 -2.94 -3.34
N VAL B 270 14.03 -3.94 -3.15
CA VAL B 270 13.77 -4.95 -4.18
C VAL B 270 12.67 -4.51 -5.12
N PHE B 271 12.31 -3.23 -5.11
CA PHE B 271 11.25 -2.71 -5.98
C PHE B 271 11.49 -2.95 -7.46
N PRO B 272 12.71 -2.89 -7.99
CA PRO B 272 12.88 -3.20 -9.43
C PRO B 272 12.50 -4.62 -9.81
N THR B 273 12.91 -5.61 -9.02
CA THR B 273 12.60 -7.01 -9.35
C THR B 273 11.10 -7.27 -9.23
N ARG B 274 10.46 -6.72 -8.20
CA ARG B 274 9.03 -6.92 -8.04
C ARG B 274 8.23 -6.15 -9.09
N THR B 275 8.78 -5.04 -9.58
CA THR B 275 8.16 -4.38 -10.74
C THR B 275 8.31 -5.24 -11.98
N ALA B 276 9.46 -5.91 -12.13
CA ALA B 276 9.67 -6.77 -13.29
C ALA B 276 8.70 -7.96 -13.28
N ARG B 277 8.44 -8.48 -12.08
CA ARG B 277 7.60 -9.69 -11.91
C ARG B 277 6.23 -9.45 -12.54
N PHE B 278 5.71 -8.24 -12.37
CA PHE B 278 4.41 -7.86 -12.90
C PHE B 278 4.41 -7.65 -14.41
N GLY B 279 5.58 -7.69 -15.06
CA GLY B 279 5.66 -7.34 -16.46
C GLY B 279 5.77 -5.86 -16.70
N SER B 280 6.39 -5.12 -15.79
CA SER B 280 6.44 -3.67 -15.84
C SER B 280 7.89 -3.20 -15.93
N ALA B 281 8.11 -2.16 -16.75
CA ALA B 281 9.45 -1.62 -16.98
C ALA B 281 9.49 -0.16 -16.58
N LEU B 282 10.49 0.22 -15.79
CA LEU B 282 10.58 1.59 -15.29
C LEU B 282 11.02 2.55 -16.38
N VAL B 283 10.36 3.69 -16.45
CA VAL B 283 10.63 4.73 -17.45
C VAL B 283 10.49 6.09 -16.79
N PRO B 284 10.98 7.18 -17.40
CA PRO B 284 10.81 8.50 -16.77
C PRO B 284 9.37 8.90 -16.46
N THR B 285 8.38 8.26 -17.07
CA THR B 285 6.99 8.57 -16.81
C THR B 285 6.34 7.58 -15.85
N GLY B 286 7.12 6.73 -15.20
CA GLY B 286 6.58 5.73 -14.31
C GLY B 286 6.96 4.33 -14.74
N ASN B 287 5.99 3.57 -15.24
CA ASN B 287 6.27 2.21 -15.68
C ASN B 287 5.38 1.88 -16.88
N LEU B 288 5.96 1.13 -17.82
CA LEU B 288 5.22 0.54 -18.92
C LEU B 288 4.74 -0.84 -18.51
N GLN B 289 3.44 -1.06 -18.58
CA GLN B 289 2.84 -2.38 -18.36
C GLN B 289 2.88 -3.10 -19.70
N LEU B 290 3.98 -3.81 -19.95
CA LEU B 290 4.25 -4.39 -21.25
C LEU B 290 3.34 -5.57 -21.59
N ARG B 291 2.54 -6.07 -20.65
CA ARG B 291 1.59 -7.12 -20.98
C ARG B 291 0.41 -6.59 -21.78
N LYS B 292 0.13 -5.29 -21.71
CA LYS B 292 -1.04 -4.74 -22.39
C LYS B 292 -0.80 -4.65 -23.88
N LYS B 293 -1.85 -4.93 -24.65
CA LYS B 293 -1.73 -5.11 -26.09
C LYS B 293 -1.41 -3.83 -26.85
N VAL B 294 -1.26 -2.69 -26.18
CA VAL B 294 -0.80 -1.49 -26.87
C VAL B 294 0.63 -1.66 -27.35
N PHE B 295 1.39 -2.56 -26.72
CA PHE B 295 2.79 -2.80 -27.07
C PHE B 295 2.96 -4.01 -27.97
N GLU B 296 1.88 -4.61 -28.44
CA GLU B 296 1.97 -5.80 -29.28
C GLU B 296 2.66 -5.51 -30.61
N LYS B 297 2.42 -4.33 -31.18
CA LYS B 297 3.07 -3.93 -32.42
C LYS B 297 3.96 -2.70 -32.24
N ASP B 298 4.44 -2.47 -31.02
CA ASP B 298 5.36 -1.39 -30.71
C ASP B 298 6.77 -1.97 -30.73
N PHE B 299 7.58 -1.56 -31.71
CA PHE B 299 8.90 -2.13 -31.93
C PHE B 299 10.04 -1.21 -31.48
N GLY B 300 9.73 -0.12 -30.79
CA GLY B 300 10.77 0.68 -30.19
C GLY B 300 11.28 0.03 -28.92
N PRO B 301 12.39 0.53 -28.38
CA PRO B 301 12.87 0.03 -27.09
C PRO B 301 11.97 0.50 -25.96
N ILE B 302 12.27 -0.01 -24.76
CA ILE B 302 11.59 0.47 -23.56
C ILE B 302 11.81 1.97 -23.41
N ASP B 303 13.05 2.41 -23.54
CA ASP B 303 13.42 3.81 -23.45
C ASP B 303 14.57 4.09 -24.41
N PRO B 304 14.37 4.96 -25.41
CA PRO B 304 15.46 5.24 -26.36
C PRO B 304 16.65 5.95 -25.73
N GLU B 305 16.54 6.43 -24.51
CA GLU B 305 17.65 7.04 -23.79
C GLU B 305 18.38 6.06 -22.88
N CYS B 306 17.81 4.88 -22.65
CA CYS B 306 18.41 3.92 -21.74
C CYS B 306 19.57 3.19 -22.41
N THR B 307 20.65 3.01 -21.67
CA THR B 307 21.87 2.40 -22.17
C THR B 307 21.98 0.91 -21.86
N CYS B 308 20.96 0.31 -21.25
CA CYS B 308 21.07 -1.06 -20.77
C CYS B 308 21.05 -2.04 -21.93
N PRO B 309 21.52 -3.28 -21.71
CA PRO B 309 21.50 -4.28 -22.79
C PRO B 309 20.12 -4.54 -23.36
N THR B 310 19.11 -4.65 -22.49
CA THR B 310 17.74 -4.92 -22.94
C THR B 310 17.29 -3.89 -23.95
N CYS B 311 17.52 -2.60 -23.67
CA CYS B 311 17.14 -1.55 -24.60
C CYS B 311 18.06 -1.46 -25.81
N GLN B 312 19.28 -2.02 -25.72
CA GLN B 312 20.15 -2.02 -26.88
C GLN B 312 19.74 -3.08 -27.90
N LYS B 313 19.24 -4.22 -27.44
CA LYS B 313 19.00 -5.33 -28.35
C LYS B 313 17.58 -5.89 -28.35
N HIS B 314 16.64 -5.30 -27.60
CA HIS B 314 15.28 -5.83 -27.58
C HIS B 314 14.26 -4.70 -27.67
N SER B 315 13.06 -5.07 -28.13
CA SER B 315 11.97 -4.13 -28.37
C SER B 315 10.82 -4.39 -27.42
N ARG B 316 9.87 -3.44 -27.40
CA ARG B 316 8.70 -3.59 -26.55
C ARG B 316 7.81 -4.73 -27.05
N ALA B 317 7.73 -4.92 -28.36
CA ALA B 317 6.91 -6.01 -28.90
C ALA B 317 7.50 -7.36 -28.54
N PHE B 318 8.82 -7.51 -28.66
CA PHE B 318 9.46 -8.77 -28.30
C PHE B 318 9.22 -9.10 -26.83
N LEU B 319 9.34 -8.10 -25.95
CA LEU B 319 9.11 -8.35 -24.53
C LEU B 319 7.64 -8.63 -24.25
N HIS B 320 6.74 -7.97 -24.96
CA HIS B 320 5.31 -8.21 -24.80
C HIS B 320 4.95 -9.64 -25.20
N ALA B 321 5.60 -10.16 -26.24
CA ALA B 321 5.37 -11.54 -26.63
C ALA B 321 6.03 -12.52 -25.66
N LEU B 322 7.22 -12.18 -25.18
CA LEU B 322 7.94 -13.05 -24.26
C LEU B 322 7.19 -13.17 -22.93
N LEU B 323 6.59 -12.08 -22.46
CA LEU B 323 5.85 -12.11 -21.22
C LEU B 323 4.72 -13.13 -21.26
N HIS B 324 4.16 -13.40 -22.43
CA HIS B 324 3.05 -14.31 -22.57
C HIS B 324 3.45 -15.69 -23.11
N SER B 325 4.68 -15.84 -23.62
CA SER B 325 5.16 -17.14 -24.05
C SER B 325 6.25 -17.72 -23.14
N ASP B 326 7.06 -16.88 -22.50
CA ASP B 326 8.13 -17.32 -21.60
C ASP B 326 8.34 -16.21 -20.56
N ASN B 327 7.50 -16.26 -19.51
CA ASN B 327 7.48 -15.19 -18.52
C ASN B 327 8.81 -15.02 -17.80
N THR B 328 9.62 -16.09 -17.69
CA THR B 328 10.83 -16.04 -16.90
C THR B 328 11.94 -15.24 -17.58
N ALA B 329 12.21 -15.51 -18.86
CA ALA B 329 13.22 -14.75 -19.57
C ALA B 329 12.82 -13.27 -19.71
N ALA B 330 11.53 -13.00 -19.89
CA ALA B 330 11.06 -11.62 -19.91
C ALA B 330 11.28 -10.97 -18.55
N LEU B 331 11.05 -11.71 -17.46
CA LEU B 331 11.37 -11.20 -16.14
C LEU B 331 12.85 -10.84 -16.03
N HIS B 332 13.72 -11.67 -16.58
CA HIS B 332 15.15 -11.38 -16.53
C HIS B 332 15.48 -10.09 -17.28
N HIS B 333 14.98 -9.95 -18.50
CA HIS B 333 15.27 -8.74 -19.28
C HIS B 333 14.73 -7.51 -18.56
N LEU B 334 13.50 -7.59 -18.03
CA LEU B 334 12.92 -6.46 -17.32
C LEU B 334 13.69 -6.13 -16.05
N THR B 335 14.24 -7.14 -15.36
CA THR B 335 15.04 -6.87 -14.18
C THR B 335 16.31 -6.11 -14.55
N VAL B 336 17.01 -6.57 -15.60
CA VAL B 336 18.19 -5.85 -16.07
C VAL B 336 17.84 -4.40 -16.35
N HIS B 337 16.73 -4.16 -17.07
CA HIS B 337 16.37 -2.79 -17.41
C HIS B 337 16.05 -1.96 -16.17
N ASN B 338 15.26 -2.50 -15.25
CA ASN B 338 14.81 -1.70 -14.11
C ASN B 338 15.99 -1.33 -13.21
N ILE B 339 16.94 -2.25 -13.04
CA ILE B 339 18.14 -1.91 -12.29
C ILE B 339 18.95 -0.85 -13.00
N ALA B 340 19.08 -0.95 -14.34
CA ALA B 340 19.78 0.07 -15.08
C ALA B 340 19.11 1.43 -14.93
N TYR B 341 17.78 1.45 -14.88
CA TYR B 341 17.05 2.70 -14.70
C TYR B 341 17.35 3.31 -13.34
N GLN B 342 17.33 2.49 -12.29
CA GLN B 342 17.68 2.99 -10.96
C GLN B 342 19.09 3.60 -10.96
N LEU B 343 20.04 2.89 -11.56
CA LEU B 343 21.43 3.37 -11.59
C LEU B 343 21.54 4.70 -12.32
N GLN B 344 20.92 4.79 -13.50
CA GLN B 344 21.03 6.02 -14.29
C GLN B 344 20.28 7.18 -13.65
N LEU B 345 19.18 6.88 -12.96
CA LEU B 345 18.48 7.94 -12.22
C LEU B 345 19.38 8.52 -11.13
N MET B 346 20.05 7.65 -10.37
CA MET B 346 20.95 8.14 -9.34
C MET B 346 22.10 8.94 -9.95
N SER B 347 22.64 8.47 -11.07
CA SER B 347 23.73 9.18 -11.73
C SER B 347 23.28 10.56 -12.19
N ALA B 348 22.07 10.67 -12.75
CA ALA B 348 21.57 11.96 -13.21
C ALA B 348 21.31 12.90 -12.04
N VAL B 349 20.76 12.37 -10.95
CA VAL B 349 20.56 13.17 -9.74
C VAL B 349 21.89 13.77 -9.29
N ARG B 350 22.92 12.93 -9.20
CA ARG B 350 24.21 13.41 -8.76
C ARG B 350 24.77 14.47 -9.71
N THR B 351 24.66 14.23 -11.02
CA THR B 351 25.16 15.20 -11.99
C THR B 351 24.45 16.54 -11.83
N SER B 352 23.13 16.52 -11.63
CA SER B 352 22.40 17.77 -11.45
C SER B 352 22.84 18.48 -10.18
N ILE B 353 23.15 17.72 -9.13
CA ILE B 353 23.67 18.34 -7.91
C ILE B 353 25.01 19.01 -8.18
N VAL B 354 25.93 18.29 -8.83
CA VAL B 354 27.27 18.82 -9.10
C VAL B 354 27.18 20.08 -9.96
N GLU B 355 26.22 20.14 -10.87
CA GLU B 355 26.05 21.29 -11.76
C GLU B 355 25.12 22.35 -11.19
N LYS B 356 24.74 22.23 -9.91
CA LYS B 356 23.99 23.27 -9.20
C LYS B 356 22.66 23.58 -9.89
N ARG B 357 21.96 22.54 -10.32
CA ARG B 357 20.63 22.68 -10.91
C ARG B 357 19.68 21.60 -10.41
N PHE B 358 19.85 21.17 -9.17
CA PHE B 358 19.02 20.11 -8.61
C PHE B 358 17.54 20.48 -8.52
N PRO B 359 17.13 21.68 -8.09
CA PRO B 359 15.69 21.98 -8.04
C PRO B 359 15.03 21.92 -9.41
N ASP B 360 15.68 22.46 -10.44
CA ASP B 360 15.19 22.31 -11.80
C ASP B 360 15.07 20.83 -12.17
N PHE B 361 16.01 20.01 -11.71
CA PHE B 361 15.95 18.58 -12.00
C PHE B 361 14.72 17.94 -11.38
N VAL B 362 14.44 18.31 -10.13
CA VAL B 362 13.28 17.76 -9.38
C VAL B 362 11.99 18.17 -10.09
N ARG B 363 11.94 19.42 -10.55
CA ARG B 363 10.75 19.90 -11.26
C ARG B 363 10.55 19.16 -12.57
N ASP B 364 11.64 18.96 -13.32
CA ASP B 364 11.55 18.17 -14.56
C ASP B 364 11.11 16.75 -14.26
N PHE B 365 11.66 16.14 -13.21
CA PHE B 365 11.31 14.77 -12.85
C PHE B 365 9.83 14.65 -12.52
N MET B 366 9.31 15.58 -11.70
CA MET B 366 7.91 15.52 -11.34
C MET B 366 7.01 15.80 -12.53
N GLY B 367 7.43 16.70 -13.42
CA GLY B 367 6.65 16.95 -14.63
C GLY B 367 6.56 15.72 -15.51
N ALA B 368 7.68 15.01 -15.67
CA ALA B 368 7.66 13.80 -16.49
C ALA B 368 6.90 12.67 -15.81
N MET B 369 6.95 12.60 -14.48
CA MET B 369 6.40 11.46 -13.76
C MET B 369 4.88 11.60 -13.57
N TYR B 370 4.39 12.82 -13.35
CA TYR B 370 2.99 13.02 -13.02
C TYR B 370 2.27 13.94 -14.02
N GLY B 371 2.92 14.31 -15.12
CA GLY B 371 2.28 15.13 -16.12
C GLY B 371 2.67 16.60 -16.04
N ASP B 372 2.49 17.18 -14.86
CA ASP B 372 2.86 18.54 -14.55
C ASP B 372 3.32 18.52 -13.09
N PRO B 373 4.38 19.25 -12.75
CA PRO B 373 4.93 19.13 -11.38
C PRO B 373 3.92 19.42 -10.29
N THR B 374 2.89 20.23 -10.56
CA THR B 374 1.88 20.53 -9.56
C THR B 374 0.95 19.35 -9.29
N LEU B 375 0.94 18.34 -10.15
CA LEU B 375 0.20 17.11 -9.89
C LEU B 375 1.00 16.11 -9.07
N CYS B 376 2.15 16.51 -8.56
CA CYS B 376 2.91 15.66 -7.66
C CYS B 376 2.05 15.31 -6.44
N PRO B 377 2.21 14.11 -5.87
CA PRO B 377 1.46 13.77 -4.65
C PRO B 377 1.68 14.80 -3.56
N THR B 378 0.68 14.92 -2.68
CA THR B 378 0.71 15.96 -1.65
C THR B 378 1.89 15.80 -0.71
N TRP B 379 2.15 14.57 -0.26
CA TRP B 379 3.22 14.34 0.70
C TRP B 379 4.57 14.79 0.15
N ALA B 380 4.83 14.51 -1.13
CA ALA B 380 6.12 14.87 -1.71
C ALA B 380 6.23 16.38 -1.91
N THR B 381 5.13 17.04 -2.26
CA THR B 381 5.12 18.49 -2.29
C THR B 381 5.48 19.07 -0.93
N ASP B 382 4.87 18.53 0.13
CA ASP B 382 5.17 18.99 1.49
C ASP B 382 6.64 18.76 1.82
N ALA B 383 7.15 17.57 1.55
CA ALA B 383 8.53 17.23 1.87
C ALA B 383 9.50 18.15 1.14
N LEU B 384 9.29 18.34 -0.17
CA LEU B 384 10.18 19.19 -0.95
C LEU B 384 10.10 20.64 -0.47
N ALA B 385 8.91 21.12 -0.13
CA ALA B 385 8.77 22.50 0.32
C ALA B 385 9.41 22.70 1.68
N SER B 386 9.47 21.65 2.51
CA SER B 386 10.08 21.79 3.83
C SER B 386 11.58 22.07 3.76
N VAL B 387 12.23 21.76 2.63
CA VAL B 387 13.65 22.01 2.47
C VAL B 387 13.94 22.98 1.33
N GLY B 388 12.93 23.73 0.89
CA GLY B 388 13.16 24.84 -0.01
C GLY B 388 13.04 24.54 -1.49
N ILE B 389 12.19 23.60 -1.88
CA ILE B 389 11.98 23.28 -3.28
C ILE B 389 10.49 23.36 -3.56
N THR B 390 10.10 24.28 -4.43
CA THR B 390 8.71 24.44 -4.84
C THR B 390 8.55 23.98 -6.28
N LEU B 391 7.39 23.41 -6.58
CA LEU B 391 7.10 22.81 -7.87
C LEU B 391 6.26 23.78 -8.71
N GLY B 392 6.71 24.01 -9.94
CA GLY B 392 6.00 24.91 -10.84
C GLY B 392 4.87 24.22 -11.59
C1 QEI C . -11.61 0.48 8.87
C2 QEI C . -10.11 0.03 8.44
C3 QEI C . -11.55 0.65 10.19
C4 QEI C . -9.45 -0.44 9.79
C5 QEI C . -10.20 0.19 10.75
C6 QEI C . -13.23 -0.34 7.26
C9 QEI C . -15.41 0.97 8.31
C10 QEI C . -16.14 1.98 7.72
C11 QEI C . -15.79 0.44 9.70
O1 QEI C . -9.46 1.05 7.96
O2 QEI C . -8.10 -0.01 9.87
N1 QEI C . -12.60 -0.60 8.55
C7 QEI C . -14.42 0.62 7.43
C8 QEI C . -14.54 1.42 6.32
N2 QEI C . -15.60 2.25 6.51
N3 QEI C . -17.31 2.58 8.45
C12 QEI C . -17.68 2.08 9.78
N5 QEI C . -18.82 2.67 10.48
N4 QEI C . -16.91 1.02 10.40
O3 QEI C . -15.16 -0.44 10.21
ZN ZN D . -16.26 3.52 -20.37
BR BR E . -11.10 11.79 -31.35
CL CL F . 5.11 5.41 -23.85
CL CL G . -33.71 -3.35 13.83
K K H . -20.73 18.32 9.72
BR BR I . -16.95 5.67 -6.12
CL CL J . -4.87 -1.84 -24.34
C1 QEI K . 11.47 -1.70 8.10
C2 QEI K . 10.06 -1.13 8.11
C3 QEI K . 11.75 -2.04 9.53
C4 QEI K . 9.66 -0.99 9.57
C5 QEI K . 10.75 -1.70 10.32
C6 QEI K . 13.12 -0.97 6.36
C9 QEI K . 15.03 -2.23 7.82
C10 QEI K . 16.04 -3.19 7.37
C11 QEI K . 15.06 -1.88 9.26
O1 QEI K . 9.21 -2.04 7.40
O2 QEI K . 8.42 -1.59 9.87
N1 QEI K . 12.39 -0.72 7.58
C7 QEI K . 14.27 -1.91 6.58
C8 QEI K . 14.84 -2.67 5.58
N2 QEI K . 15.86 -3.39 6.07
N3 QEI K . 16.90 -3.70 8.28
C12 QEI K . 16.86 -3.32 9.57
N5 QEI K . 17.76 -3.88 10.42
N4 QEI K . 15.98 -2.45 10.05
O3 QEI K . 14.27 -1.08 9.77
ZN ZN L . 16.77 -0.31 -20.65
BR BR M . 11.58 -6.92 -32.80
N GLU N . 26.17 -9.55 26.48
CA GLU N . 27.42 -10.19 26.09
C GLU N . 27.51 -11.57 26.76
O GLU N . 27.69 -12.61 26.07
CB GLU N . 28.62 -9.33 26.46
CG GLU N . 29.67 -9.38 25.36
CD GLU N . 30.50 -10.65 25.47
OE1 GLU N . 31.13 -11.08 24.46
OE2 GLU N . 30.57 -11.27 26.56
CL CL O . 29.20 -23.08 1.15
CL CL P . 33.31 1.10 14.54
K K Q . 20.33 -19.67 6.67
BR BR R . 17.24 -4.54 -6.86
#